data_7KXY
#
_entry.id   7KXY
#
loop_
_entity.id
_entity.type
_entity.pdbx_description
1 polymer 'Coagulation factor Va'
2 polymer 'Coagulation factor Va'
#
loop_
_entity_poly.entity_id
_entity_poly.type
_entity_poly.pdbx_seq_one_letter_code
_entity_poly.pdbx_strand_id
1 'polypeptide(L)'
;AQLRQFYVAAQGISWSYRPEPTNSSLNLSVTSFKKIVYREYEPYFKKEKPQSTISGLLGPTLYAEVGDIIKVHFKNKADK
PLSIHPQGIRYSKLSEGASYLDHTFPAEKMDDAVAPGREYTYEWSISEDSGPTHDDPPCLTHIYYSHENLIEDFNSGLIG
PLLICKKGTLTEGGTQKTFDKQIVLLFAVFDESKSWSQSSSLMYTVNGYVNGTMPDITVCAHDHISWHLLGMSSGPELFS
IHFNGQVLEQNHHKVSAITLVSATSTTANMTVGPEGKWIISSLTPKHLQAGMQAYIDIKNCPKKTRNLKKITREQRRHMK
RWEYFIAAEEVIWDYAPVIPANMDKKYRSQHLDNFSNQIGKHYKKVMYTQYEDESFTKHTVNPNMKEDGILGPIIRAQVR
DTLKIVFKNMASRPYSIYPHGVTFSPYEDEVNSSFTSGRNNTMIRAVQPGETYTYKWNILEFDEPTENDAQCLTRPYYSD
VDIMRDIASGLIGLLLICKSRSLDRRGIQRAADIEQQAVFAVFDENKSWYLEDNINKFCENPDEVKRDDPKFYESNIMST
INGYVPESITTLGFCFDDTVQWHFCSVGTQNEILTIHFTGHSFIYGKRHEDTLTLFPMRGESVTVTMDNVGTWMLTSMNS
SPRSKKLRLKFRDVKCIPDDDEDSYEIFEPPESTVMATRKMHDRLEPEDEESDADYDYQNRLAAALGIR
;
A
2 'polypeptide(L)'
;SNNGNRRNYYIAAEEISWDYSEFVQRETDIEDSDDIPEDTTYKKVVFRKYLDSTFTKRDPRGEYEEHLGILGPIIRAEVD
DVIQVRFKNLASRPYSLHAHGLSYEKSSEGKTYEDDSPEWFKEDNAVQPNSSYTYVWHATERSGPESPGSACRAWAYYSA
VNPEKDIHSGLIGPLLICQKGILHKDSNMPMDMREFVLLFMTFDEKKSWYYEKKSRSSWRLTSSEMKKSHEFHAINGMIY
SLPGLKMYEQEWVRLHLLNIGGSQDIHVVHFHGQTLLENGNKQHQLGVWPLLPGSFKTLEMKASKPGWWLLNTEVGENQR
AGMQTPFLIMDRDCRMPMGLSTGIISDSQIKASEFLGYWEPRLARLNNGGSYNAWSVEKLAAEFASKPWIQVDMQKEVII
TGIQTQGAKHYLKSCYTTEFYVAYSSNQINWQIFKGNSTRNVMYFNGNSDASTIKENQFDPPIVARYIRISPTRAYNRPT
LRLELQGCEVNGCSTPLGMENGKIENKQITASSFKKSWWGDYWEPFRARLNAQGRVNAWQAKANNNKQWLEIDLLKIKKI
TAIITQGCKSLSSEMYVKSYTIHYSEQGVEWKPYRLKSSMVDKIFEGNTNTKGHVKNFFNPPIISRFIRVIPKTWNQSIA
LRLELFGCDIY
;
B
#
# COMPACT_ATOMS: atom_id res chain seq x y z
N ALA A 1 -19.29 -25.25 -2.20
CA ALA A 1 -19.43 -24.44 -3.40
C ALA A 1 -20.73 -23.64 -3.37
N GLN A 2 -20.62 -22.33 -3.65
CA GLN A 2 -21.77 -21.41 -3.62
C GLN A 2 -21.72 -20.58 -4.91
N LEU A 3 -22.12 -21.19 -6.01
CA LEU A 3 -22.14 -20.49 -7.30
C LEU A 3 -23.19 -19.38 -7.28
N ARG A 4 -22.90 -18.32 -8.05
CA ARG A 4 -23.74 -17.12 -8.07
C ARG A 4 -23.77 -16.58 -9.50
N GLN A 5 -24.79 -17.00 -10.26
CA GLN A 5 -25.01 -16.44 -11.58
C GLN A 5 -25.65 -15.05 -11.46
N PHE A 6 -25.04 -14.08 -12.14
CA PHE A 6 -25.43 -12.70 -11.92
C PHE A 6 -25.81 -12.04 -13.24
N TYR A 7 -26.69 -11.05 -13.13
CA TYR A 7 -27.05 -10.18 -14.23
C TYR A 7 -26.99 -8.74 -13.72
N VAL A 8 -25.98 -8.00 -14.17
CA VAL A 8 -25.77 -6.62 -13.74
C VAL A 8 -25.36 -5.79 -14.95
N ALA A 9 -25.95 -4.60 -15.07
CA ALA A 9 -25.68 -3.72 -16.20
C ALA A 9 -25.58 -2.28 -15.69
N ALA A 10 -25.70 -1.32 -16.60
CA ALA A 10 -25.68 0.11 -16.29
C ALA A 10 -26.87 0.79 -16.95
N GLN A 11 -26.93 2.12 -16.79
CA GLN A 11 -28.04 2.94 -17.26
C GLN A 11 -27.64 4.41 -17.13
N GLY A 12 -28.14 5.23 -18.06
CA GLY A 12 -27.90 6.66 -18.00
C GLY A 12 -29.08 7.43 -17.43
N ILE A 13 -28.94 7.91 -16.19
CA ILE A 13 -29.99 8.61 -15.49
C ILE A 13 -29.42 9.92 -14.95
N SER A 14 -30.30 10.75 -14.39
CA SER A 14 -29.92 12.06 -13.85
C SER A 14 -30.05 12.05 -12.34
N TRP A 15 -29.66 13.17 -11.72
CA TRP A 15 -29.71 13.37 -10.28
C TRP A 15 -29.40 14.83 -9.98
N SER A 16 -29.97 15.35 -8.90
CA SER A 16 -29.74 16.73 -8.50
C SER A 16 -28.31 16.92 -8.03
N TYR A 17 -27.77 18.12 -8.26
CA TYR A 17 -26.39 18.43 -7.93
C TYR A 17 -26.24 19.24 -6.64
N ARG A 18 -26.86 20.42 -6.55
CA ARG A 18 -26.83 21.20 -5.33
C ARG A 18 -28.00 20.78 -4.46
N PRO A 19 -27.80 19.95 -3.44
CA PRO A 19 -28.94 19.33 -2.74
C PRO A 19 -29.53 20.29 -1.70
N GLU A 20 -30.86 20.33 -1.65
CA GLU A 20 -31.56 21.06 -0.60
C GLU A 20 -32.76 20.26 -0.11
N SER A 29 -36.24 19.55 -9.15
CA SER A 29 -34.96 19.50 -9.86
C SER A 29 -35.18 19.24 -11.34
N VAL A 30 -35.53 20.30 -12.08
CA VAL A 30 -35.66 20.20 -13.53
C VAL A 30 -34.31 19.92 -14.16
N THR A 31 -33.24 20.48 -13.57
CA THR A 31 -31.89 20.32 -14.07
C THR A 31 -31.54 18.86 -14.28
N SER A 32 -31.45 18.44 -15.54
CA SER A 32 -31.15 17.06 -15.89
C SER A 32 -29.66 16.91 -16.16
N PHE A 33 -29.09 15.79 -15.70
CA PHE A 33 -27.67 15.50 -15.86
C PHE A 33 -27.54 14.02 -16.22
N LYS A 34 -27.63 13.70 -17.50
CA LYS A 34 -27.55 12.32 -17.96
C LYS A 34 -26.16 11.76 -17.67
N LYS A 35 -26.10 10.77 -16.78
CA LYS A 35 -24.85 10.10 -16.46
C LYS A 35 -25.06 8.60 -16.35
N ILE A 36 -24.08 7.84 -16.81
CA ILE A 36 -24.15 6.38 -16.75
C ILE A 36 -24.12 5.95 -15.29
N VAL A 37 -25.09 5.12 -14.89
CA VAL A 37 -25.19 4.64 -13.52
C VAL A 37 -25.46 3.14 -13.54
N TYR A 38 -24.92 2.45 -12.55
CA TYR A 38 -25.14 1.01 -12.41
C TYR A 38 -26.56 0.74 -11.91
N ARG A 39 -27.20 -0.29 -12.46
CA ARG A 39 -28.54 -0.68 -12.06
C ARG A 39 -28.59 -2.20 -11.93
N GLU A 40 -29.81 -2.74 -11.90
CA GLU A 40 -30.00 -4.18 -11.80
C GLU A 40 -31.47 -4.47 -12.16
N TYR A 41 -31.69 -4.87 -13.42
CA TYR A 41 -33.02 -5.19 -13.91
C TYR A 41 -33.48 -6.53 -13.35
N GLU A 42 -34.60 -7.01 -13.89
CA GLU A 42 -35.03 -8.37 -13.64
C GLU A 42 -34.02 -9.34 -14.26
N PRO A 43 -33.75 -10.48 -13.59
CA PRO A 43 -32.75 -11.43 -14.11
C PRO A 43 -32.93 -11.78 -15.58
N TYR A 44 -31.81 -12.07 -16.26
CA TYR A 44 -31.76 -12.22 -17.72
C TYR A 44 -32.27 -10.94 -18.41
N PHE A 45 -31.31 -10.07 -18.73
CA PHE A 45 -31.62 -8.69 -19.05
C PHE A 45 -32.12 -8.55 -20.49
N LYS A 46 -32.83 -7.45 -20.73
CA LYS A 46 -33.33 -7.10 -22.05
C LYS A 46 -33.64 -5.62 -22.10
N SER A 52 -32.51 4.46 -6.08
CA SER A 52 -33.43 5.54 -6.41
C SER A 52 -33.29 6.68 -5.40
N THR A 53 -34.42 7.28 -5.03
CA THR A 53 -34.47 8.43 -4.13
C THR A 53 -34.53 8.03 -2.67
N ILE A 54 -33.96 6.88 -2.31
CA ILE A 54 -33.92 6.41 -0.93
C ILE A 54 -32.56 5.75 -0.68
N SER A 55 -31.97 5.17 -1.71
CA SER A 55 -30.65 4.55 -1.61
C SER A 55 -29.55 5.40 -2.24
N GLY A 56 -29.89 6.23 -3.23
CA GLY A 56 -28.91 7.11 -3.85
C GLY A 56 -28.58 6.76 -5.28
N LEU A 57 -27.29 6.89 -5.65
CA LEU A 57 -26.82 6.53 -6.97
C LEU A 57 -26.01 5.25 -6.99
N LEU A 58 -25.92 4.54 -5.86
CA LEU A 58 -25.17 3.30 -5.81
C LEU A 58 -25.92 2.19 -6.55
N GLY A 59 -25.17 1.34 -7.25
CA GLY A 59 -25.74 0.35 -8.12
C GLY A 59 -25.92 -1.01 -7.48
N PRO A 60 -25.09 -1.98 -7.86
CA PRO A 60 -25.31 -3.35 -7.43
C PRO A 60 -24.49 -3.76 -6.21
N THR A 61 -25.04 -4.73 -5.49
CA THR A 61 -24.34 -5.42 -4.42
C THR A 61 -23.70 -6.69 -4.97
N LEU A 62 -22.84 -7.31 -4.16
CA LEU A 62 -22.16 -8.53 -4.60
C LEU A 62 -21.72 -9.39 -3.44
N TYR A 63 -22.40 -10.52 -3.23
CA TYR A 63 -22.00 -11.49 -2.22
C TYR A 63 -20.73 -12.21 -2.65
N ALA A 64 -20.17 -12.98 -1.73
CA ALA A 64 -19.04 -13.85 -2.01
C ALA A 64 -18.78 -14.76 -0.80
N GLU A 65 -18.60 -16.05 -1.08
CA GLU A 65 -18.25 -17.04 -0.08
C GLU A 65 -17.09 -17.88 -0.59
N VAL A 66 -16.58 -18.74 0.28
CA VAL A 66 -15.42 -19.57 -0.07
C VAL A 66 -15.82 -20.61 -1.11
N GLY A 67 -14.96 -20.79 -2.12
CA GLY A 67 -15.21 -21.75 -3.17
C GLY A 67 -16.30 -21.32 -4.13
N ASP A 68 -16.18 -20.10 -4.65
CA ASP A 68 -17.20 -19.50 -5.48
C ASP A 68 -16.60 -19.05 -6.81
N ILE A 69 -17.43 -19.07 -7.85
CA ILE A 69 -17.10 -18.45 -9.12
C ILE A 69 -18.28 -17.57 -9.52
N ILE A 70 -17.97 -16.33 -9.91
CA ILE A 70 -18.99 -15.32 -10.15
C ILE A 70 -18.74 -14.69 -11.51
N LYS A 71 -19.79 -14.64 -12.33
CA LYS A 71 -19.79 -13.91 -13.57
C LYS A 71 -20.70 -12.70 -13.45
N VAL A 72 -20.54 -11.74 -14.35
CA VAL A 72 -21.47 -10.63 -14.48
C VAL A 72 -21.79 -10.47 -15.96
N HIS A 73 -22.99 -10.92 -16.35
CA HIS A 73 -23.50 -10.66 -17.69
C HIS A 73 -23.45 -9.17 -17.96
N PHE A 74 -22.28 -8.69 -18.36
CA PHE A 74 -22.00 -7.26 -18.38
C PHE A 74 -22.59 -6.62 -19.63
N LYS A 75 -23.66 -5.86 -19.45
CA LYS A 75 -24.19 -5.02 -20.52
C LYS A 75 -23.64 -3.61 -20.38
N ASN A 76 -23.71 -2.84 -21.46
CA ASN A 76 -23.17 -1.50 -21.46
C ASN A 76 -23.79 -0.71 -22.61
N LYS A 77 -24.31 0.48 -22.30
CA LYS A 77 -24.93 1.34 -23.30
C LYS A 77 -24.27 2.71 -23.28
N ALA A 78 -22.96 2.72 -23.48
CA ALA A 78 -22.17 3.94 -23.48
C ALA A 78 -21.19 3.89 -24.63
N ASP A 79 -21.05 5.00 -25.36
CA ASP A 79 -20.12 5.04 -26.48
C ASP A 79 -18.69 4.85 -26.01
N LYS A 80 -18.35 5.41 -24.86
CA LYS A 80 -17.07 5.12 -24.23
C LYS A 80 -17.14 3.71 -23.64
N PRO A 81 -16.31 2.78 -24.12
CA PRO A 81 -16.40 1.40 -23.63
C PRO A 81 -16.05 1.29 -22.16
N LEU A 82 -17.05 1.39 -21.29
CA LEU A 82 -16.85 1.35 -19.85
C LEU A 82 -16.95 -0.09 -19.37
N SER A 83 -15.90 -0.56 -18.71
CA SER A 83 -15.79 -1.94 -18.24
C SER A 83 -16.08 -1.99 -16.74
N ILE A 84 -15.43 -2.93 -16.05
CA ILE A 84 -15.65 -3.12 -14.62
C ILE A 84 -14.41 -3.77 -14.02
N HIS A 85 -14.11 -3.38 -12.79
CA HIS A 85 -12.91 -3.85 -12.11
C HIS A 85 -13.18 -4.07 -10.62
N PRO A 86 -12.91 -5.25 -10.08
CA PRO A 86 -13.12 -5.47 -8.63
C PRO A 86 -11.85 -5.17 -7.85
N GLN A 87 -11.98 -4.35 -6.80
CA GLN A 87 -10.85 -4.11 -5.92
C GLN A 87 -10.49 -5.36 -5.13
N GLY A 88 -11.33 -6.39 -5.17
CA GLY A 88 -10.93 -7.74 -4.81
C GLY A 88 -10.04 -8.30 -5.89
N ILE A 89 -8.73 -8.15 -5.71
CA ILE A 89 -7.74 -8.41 -6.75
C ILE A 89 -7.63 -9.88 -7.12
N ARG A 90 -8.34 -10.76 -6.41
CA ARG A 90 -8.25 -12.21 -6.58
C ARG A 90 -8.26 -12.70 -8.04
N TYR A 91 -8.78 -11.89 -8.97
CA TYR A 91 -8.99 -12.31 -10.35
C TYR A 91 -7.70 -12.78 -11.01
N SER A 92 -7.85 -13.39 -12.20
CA SER A 92 -6.72 -13.95 -12.92
C SER A 92 -6.36 -13.07 -14.12
N LYS A 93 -5.77 -13.69 -15.15
CA LYS A 93 -5.35 -12.96 -16.32
C LYS A 93 -6.52 -12.61 -17.21
N LEU A 94 -7.46 -13.53 -17.38
CA LEU A 94 -8.59 -13.32 -18.28
C LEU A 94 -9.61 -12.32 -17.71
N SER A 95 -9.49 -11.94 -16.44
CA SER A 95 -10.44 -11.02 -15.81
C SER A 95 -9.70 -9.95 -15.02
N GLU A 96 -8.62 -9.41 -15.59
CA GLU A 96 -7.84 -8.39 -14.87
C GLU A 96 -8.61 -7.07 -14.77
N GLY A 97 -8.95 -6.49 -15.92
CA GLY A 97 -9.63 -5.20 -15.94
C GLY A 97 -8.73 -4.00 -16.10
N ALA A 98 -7.41 -4.19 -16.01
CA ALA A 98 -6.42 -3.16 -16.30
C ALA A 98 -5.82 -3.44 -17.67
N SER A 99 -4.85 -2.60 -18.07
CA SER A 99 -4.14 -2.80 -19.33
C SER A 99 -2.94 -1.88 -19.38
N TYR A 100 -1.82 -2.40 -19.90
CA TYR A 100 -0.65 -1.57 -20.17
C TYR A 100 -0.44 -1.47 -21.68
N LEU A 101 0.80 -1.22 -22.11
CA LEU A 101 1.10 -1.11 -23.52
C LEU A 101 0.88 -2.44 -24.23
N ASP A 111 -11.08 -7.54 -22.02
CA ASP A 111 -11.66 -7.37 -20.70
C ASP A 111 -11.43 -5.95 -20.16
N ASP A 112 -10.94 -5.07 -21.03
CA ASP A 112 -10.66 -3.69 -20.65
C ASP A 112 -11.67 -2.70 -21.22
N ALA A 113 -12.33 -3.03 -22.32
CA ALA A 113 -13.26 -2.14 -23.00
C ALA A 113 -14.53 -2.91 -23.36
N VAL A 114 -15.68 -2.32 -23.06
CA VAL A 114 -16.97 -2.95 -23.34
C VAL A 114 -17.81 -2.04 -24.22
N ALA A 115 -17.90 -2.38 -25.50
CA ALA A 115 -18.76 -1.67 -26.46
C ALA A 115 -20.22 -2.00 -26.16
N PRO A 116 -21.19 -1.28 -26.72
CA PRO A 116 -22.59 -1.62 -26.46
C PRO A 116 -22.93 -3.03 -26.91
N GLY A 117 -23.70 -3.72 -26.07
CA GLY A 117 -24.21 -5.04 -26.42
C GLY A 117 -23.24 -6.16 -26.14
N ARG A 118 -22.00 -5.83 -25.83
CA ARG A 118 -20.96 -6.84 -25.61
C ARG A 118 -21.26 -7.60 -24.31
N GLU A 119 -21.71 -8.84 -24.44
CA GLU A 119 -21.98 -9.69 -23.30
C GLU A 119 -20.67 -10.27 -22.74
N TYR A 120 -20.59 -10.37 -21.41
CA TYR A 120 -19.36 -10.80 -20.78
C TYR A 120 -19.62 -11.87 -19.74
N THR A 121 -18.59 -12.66 -19.46
CA THR A 121 -18.64 -13.72 -18.46
C THR A 121 -17.23 -13.91 -17.90
N TYR A 122 -17.07 -13.70 -16.60
CA TYR A 122 -15.75 -13.68 -15.98
C TYR A 122 -15.51 -14.97 -15.19
N GLU A 123 -14.46 -14.97 -14.37
CA GLU A 123 -14.18 -16.08 -13.44
C GLU A 123 -13.48 -15.48 -12.22
N TRP A 124 -14.17 -14.58 -11.54
CA TRP A 124 -13.69 -13.99 -10.29
C TRP A 124 -13.72 -15.00 -9.16
N SER A 125 -12.94 -16.09 -9.30
CA SER A 125 -12.93 -17.11 -8.28
C SER A 125 -12.34 -16.55 -6.99
N ILE A 126 -13.09 -16.66 -5.89
CA ILE A 126 -12.65 -16.06 -4.63
C ILE A 126 -11.48 -16.89 -4.09
N SER A 127 -10.28 -16.35 -4.19
CA SER A 127 -9.19 -16.80 -3.34
C SER A 127 -9.27 -16.06 -2.01
N GLU A 128 -8.77 -16.69 -0.96
CA GLU A 128 -8.99 -16.17 0.39
C GLU A 128 -8.19 -14.91 0.71
N ASP A 129 -7.73 -14.20 -0.32
CA ASP A 129 -6.93 -12.99 -0.09
C ASP A 129 -7.80 -11.75 -0.06
N SER A 130 -8.75 -11.65 -0.99
CA SER A 130 -9.69 -10.54 -1.00
C SER A 130 -10.64 -10.57 0.19
N GLY A 131 -10.75 -11.69 0.89
CA GLY A 131 -11.62 -11.80 2.03
C GLY A 131 -10.85 -11.67 3.34
N PRO A 132 -11.56 -11.56 4.44
CA PRO A 132 -10.88 -11.49 5.74
C PRO A 132 -10.54 -12.87 6.29
N THR A 133 -11.48 -13.81 6.11
CA THR A 133 -11.36 -15.20 6.55
C THR A 133 -10.95 -15.34 8.00
N HIS A 134 -11.06 -14.27 8.79
CA HIS A 134 -10.59 -14.32 10.16
C HIS A 134 -11.16 -13.21 11.05
N ASP A 135 -10.42 -12.11 11.15
CA ASP A 135 -10.61 -11.15 12.24
C ASP A 135 -11.09 -9.77 11.78
N ASP A 136 -11.48 -9.60 10.53
CA ASP A 136 -12.05 -8.33 10.12
C ASP A 136 -13.54 -8.36 10.43
N PRO A 137 -14.33 -7.36 10.03
CA PRO A 137 -15.79 -7.50 10.04
C PRO A 137 -16.22 -8.80 9.38
N PRO A 138 -17.44 -9.28 9.65
CA PRO A 138 -17.88 -10.57 9.09
C PRO A 138 -17.63 -10.71 7.60
N CYS A 139 -17.58 -9.61 6.85
CA CYS A 139 -17.19 -9.64 5.44
C CYS A 139 -16.23 -8.49 5.19
N LEU A 140 -15.25 -8.73 4.32
CA LEU A 140 -14.40 -7.63 3.87
C LEU A 140 -15.20 -6.76 2.90
N THR A 141 -14.64 -5.61 2.54
CA THR A 141 -15.36 -4.71 1.65
C THR A 141 -14.35 -3.94 0.81
N HIS A 142 -14.32 -4.23 -0.48
CA HIS A 142 -13.52 -3.50 -1.46
C HIS A 142 -14.44 -2.50 -2.17
N ILE A 143 -14.13 -2.17 -3.42
CA ILE A 143 -15.04 -1.39 -4.25
C ILE A 143 -15.25 -2.11 -5.59
N TYR A 144 -16.32 -1.71 -6.28
CA TYR A 144 -16.86 -2.39 -7.46
C TYR A 144 -16.96 -1.35 -8.57
N TYR A 145 -15.82 -0.77 -8.95
CA TYR A 145 -15.82 0.33 -9.90
C TYR A 145 -14.80 0.04 -11.00
N SER A 146 -14.98 0.73 -12.13
CA SER A 146 -14.18 0.49 -13.32
C SER A 146 -12.72 0.89 -13.15
N HIS A 147 -11.92 0.73 -14.22
CA HIS A 147 -10.50 1.01 -14.15
C HIS A 147 -9.93 1.55 -15.45
N GLU A 148 -10.74 1.73 -16.49
CA GLU A 148 -10.21 2.23 -17.75
C GLU A 148 -9.87 3.72 -17.66
N ASN A 149 -10.90 4.56 -17.56
CA ASN A 149 -10.75 6.01 -17.50
C ASN A 149 -11.34 6.49 -16.19
N LEU A 150 -10.47 6.69 -15.19
CA LEU A 150 -10.91 7.17 -13.88
C LEU A 150 -11.16 8.67 -13.88
N ILE A 151 -10.70 9.39 -14.90
CA ILE A 151 -10.80 10.85 -14.91
C ILE A 151 -12.14 11.27 -15.49
N GLU A 152 -12.33 11.05 -16.79
CA GLU A 152 -13.52 11.52 -17.51
C GLU A 152 -14.66 10.51 -17.44
N ASP A 153 -14.41 9.28 -17.85
CA ASP A 153 -15.48 8.30 -18.00
C ASP A 153 -16.09 7.93 -16.66
N PHE A 154 -15.25 7.63 -15.66
CA PHE A 154 -15.72 7.24 -14.34
C PHE A 154 -16.54 8.34 -13.67
N ASN A 155 -16.21 9.61 -13.89
CA ASN A 155 -16.96 10.72 -13.31
C ASN A 155 -18.44 10.64 -13.70
N SER A 156 -19.12 9.66 -13.12
CA SER A 156 -20.53 9.41 -13.42
C SER A 156 -21.23 8.59 -12.34
N GLY A 157 -20.51 8.02 -11.38
CA GLY A 157 -21.12 7.21 -10.35
C GLY A 157 -21.27 5.76 -10.80
N LEU A 158 -20.14 5.08 -10.92
CA LEU A 158 -20.09 3.67 -11.34
C LEU A 158 -19.33 2.89 -10.27
N ILE A 159 -19.96 2.69 -9.11
CA ILE A 159 -19.30 2.03 -7.99
C ILE A 159 -20.18 0.91 -7.44
N GLY A 160 -19.78 0.31 -6.33
CA GLY A 160 -20.54 -0.74 -5.69
C GLY A 160 -19.78 -1.42 -4.58
N PRO A 161 -20.51 -2.12 -3.70
CA PRO A 161 -19.86 -2.86 -2.60
C PRO A 161 -19.75 -4.35 -2.85
N LEU A 162 -18.63 -4.92 -2.41
CA LEU A 162 -18.43 -6.36 -2.37
C LEU A 162 -18.68 -6.89 -0.96
N LEU A 163 -18.66 -8.21 -0.82
CA LEU A 163 -18.97 -8.85 0.46
C LEU A 163 -18.40 -10.27 0.44
N ILE A 164 -17.09 -10.39 0.61
CA ILE A 164 -16.42 -11.68 0.73
C ILE A 164 -16.31 -11.99 2.22
N CYS A 165 -16.88 -13.12 2.64
CA CYS A 165 -17.01 -13.45 4.05
C CYS A 165 -16.41 -14.81 4.33
N LYS A 166 -16.47 -15.22 5.60
CA LYS A 166 -16.21 -16.61 5.96
C LYS A 166 -17.35 -17.49 5.45
N LYS A 167 -17.02 -18.74 5.12
CA LYS A 167 -17.98 -19.61 4.46
C LYS A 167 -19.19 -19.90 5.36
N GLY A 168 -20.38 -19.84 4.77
CA GLY A 168 -21.60 -20.20 5.46
C GLY A 168 -22.29 -19.09 6.21
N THR A 169 -22.58 -17.95 5.57
CA THR A 169 -23.15 -16.80 6.25
C THR A 169 -24.27 -16.15 5.45
N LEU A 170 -23.98 -15.65 4.25
CA LEU A 170 -24.88 -14.74 3.56
C LEU A 170 -26.15 -15.44 3.08
N THR A 171 -27.22 -14.66 3.00
CA THR A 171 -28.50 -15.10 2.46
C THR A 171 -28.96 -14.07 1.45
N GLU A 172 -29.63 -14.53 0.40
CA GLU A 172 -29.90 -13.72 -0.79
C GLU A 172 -30.87 -12.56 -0.51
N GLY A 173 -31.36 -12.44 0.71
CA GLY A 173 -32.31 -11.40 1.02
C GLY A 173 -31.74 -10.03 1.31
N GLY A 174 -30.55 -9.71 0.77
CA GLY A 174 -29.93 -8.43 1.00
C GLY A 174 -29.34 -8.23 2.38
N THR A 175 -29.57 -9.14 3.30
CA THR A 175 -29.09 -9.01 4.68
C THR A 175 -28.19 -10.17 5.05
N GLN A 176 -27.44 -9.98 6.13
CA GLN A 176 -26.60 -11.04 6.67
C GLN A 176 -27.46 -12.00 7.50
N LYS A 177 -26.86 -13.10 7.95
CA LYS A 177 -27.53 -14.05 8.82
C LYS A 177 -27.40 -13.66 10.29
N THR A 178 -26.16 -13.60 10.79
CA THR A 178 -25.88 -13.28 12.18
C THR A 178 -25.94 -11.79 12.47
N PHE A 179 -26.78 -11.04 11.75
CA PHE A 179 -26.91 -9.61 11.97
C PHE A 179 -28.30 -9.15 11.56
N ASP A 180 -28.79 -8.13 12.24
CA ASP A 180 -30.18 -7.73 12.10
C ASP A 180 -30.43 -6.86 10.87
N LYS A 181 -29.54 -5.91 10.59
CA LYS A 181 -29.72 -5.01 9.45
C LYS A 181 -28.36 -4.68 8.85
N GLN A 182 -28.33 -4.49 7.54
CA GLN A 182 -27.10 -4.15 6.85
C GLN A 182 -27.40 -3.18 5.71
N ILE A 183 -26.75 -2.01 5.75
CA ILE A 183 -26.74 -1.06 4.64
C ILE A 183 -25.41 -0.34 4.68
N VAL A 184 -25.05 0.26 3.55
CA VAL A 184 -23.73 0.86 3.37
C VAL A 184 -23.90 2.26 2.82
N LEU A 185 -23.17 3.22 3.40
CA LEU A 185 -23.00 4.54 2.81
C LEU A 185 -21.52 4.75 2.48
N LEU A 186 -21.25 5.05 1.21
CA LEU A 186 -19.90 5.10 0.68
C LEU A 186 -19.34 6.52 0.73
N PHE A 187 -18.11 6.63 1.22
CA PHE A 187 -17.41 7.92 1.37
C PHE A 187 -16.48 8.09 0.17
N ALA A 188 -17.03 8.57 -0.94
CA ALA A 188 -16.19 8.91 -2.09
C ALA A 188 -16.73 10.19 -2.72
N VAL A 189 -16.28 10.46 -3.95
CA VAL A 189 -16.57 11.71 -4.63
C VAL A 189 -16.20 11.55 -6.09
N PHE A 190 -17.03 12.07 -6.98
CA PHE A 190 -16.68 12.19 -8.38
C PHE A 190 -16.65 13.67 -8.76
N ASP A 191 -15.64 14.03 -9.56
CA ASP A 191 -15.43 15.41 -9.95
C ASP A 191 -16.42 15.78 -11.04
N GLU A 192 -17.45 16.53 -10.68
CA GLU A 192 -18.55 16.86 -11.56
C GLU A 192 -18.18 17.92 -12.60
N SER A 193 -16.90 18.04 -12.94
CA SER A 193 -16.48 18.92 -14.01
C SER A 193 -15.31 18.37 -14.80
N LYS A 194 -14.66 17.29 -14.33
CA LYS A 194 -13.59 16.63 -15.06
C LYS A 194 -14.09 15.44 -15.87
N SER A 195 -15.33 15.49 -16.34
CA SER A 195 -15.94 14.43 -17.12
C SER A 195 -16.06 14.86 -18.57
N TRP A 196 -16.39 13.90 -19.44
CA TRP A 196 -16.64 14.24 -20.84
C TRP A 196 -17.89 15.11 -20.96
N SER A 197 -18.87 14.89 -20.10
CA SER A 197 -20.07 15.73 -20.03
C SER A 197 -19.99 16.64 -18.81
N GLN A 198 -19.08 17.60 -18.88
CA GLN A 198 -18.74 18.41 -17.72
C GLN A 198 -19.86 19.41 -17.41
N SER A 199 -19.74 20.04 -16.24
CA SER A 199 -20.66 21.09 -15.81
C SER A 199 -19.84 22.16 -15.12
N SER A 200 -19.77 23.35 -15.71
CA SER A 200 -18.97 24.45 -15.17
C SER A 200 -19.66 25.10 -13.97
N SER A 201 -20.11 24.28 -13.01
CA SER A 201 -20.68 24.77 -11.76
C SER A 201 -20.40 23.71 -10.70
N LEU A 202 -19.26 23.84 -10.02
CA LEU A 202 -18.71 22.75 -9.24
C LEU A 202 -19.42 22.58 -7.91
N MET A 203 -19.82 21.34 -7.63
CA MET A 203 -20.27 20.96 -6.30
C MET A 203 -20.19 19.44 -6.21
N TYR A 204 -19.47 18.94 -5.21
CA TYR A 204 -19.07 17.54 -5.16
C TYR A 204 -20.20 16.68 -4.57
N THR A 205 -19.95 15.38 -4.44
CA THR A 205 -20.97 14.42 -4.04
C THR A 205 -20.35 13.32 -3.20
N VAL A 206 -21.18 12.71 -2.35
CA VAL A 206 -20.81 11.59 -1.50
C VAL A 206 -22.01 10.66 -1.46
N ASN A 207 -21.91 9.50 -2.15
CA ASN A 207 -23.04 8.58 -2.33
C ASN A 207 -24.24 9.29 -2.95
N GLY A 208 -24.01 10.47 -3.54
CA GLY A 208 -25.09 11.29 -4.05
C GLY A 208 -26.03 11.77 -2.97
N TYR A 209 -25.57 11.72 -1.71
CA TYR A 209 -26.42 11.99 -0.55
C TYR A 209 -25.69 12.93 0.41
N VAL A 210 -25.60 14.20 0.04
CA VAL A 210 -25.10 15.25 0.91
C VAL A 210 -26.25 16.20 1.21
N ASN A 211 -26.09 17.02 2.24
CA ASN A 211 -27.13 17.91 2.77
C ASN A 211 -28.32 17.13 3.34
N GLY A 212 -28.11 15.86 3.67
CA GLY A 212 -29.17 15.07 4.29
C GLY A 212 -30.42 14.90 3.48
N THR A 213 -30.34 14.99 2.14
CA THR A 213 -31.53 14.75 1.33
C THR A 213 -31.94 13.29 1.35
N MET A 214 -31.11 12.43 1.92
CA MET A 214 -31.43 11.02 2.05
C MET A 214 -32.49 10.83 3.12
N PRO A 215 -33.61 10.18 2.82
CA PRO A 215 -34.59 9.88 3.86
C PRO A 215 -33.99 8.99 4.93
N ASP A 216 -34.54 9.09 6.14
CA ASP A 216 -33.94 8.44 7.29
C ASP A 216 -33.86 6.93 7.10
N ILE A 217 -32.78 6.34 7.59
CA ILE A 217 -32.70 4.87 7.72
C ILE A 217 -33.30 4.55 9.08
N THR A 218 -34.63 4.64 9.14
CA THR A 218 -35.37 4.53 10.39
C THR A 218 -35.15 3.15 11.02
N VAL A 219 -34.03 3.01 11.72
CA VAL A 219 -33.74 1.82 12.51
C VAL A 219 -33.89 2.16 13.98
N CYS A 220 -34.54 1.26 14.71
CA CYS A 220 -34.81 1.44 16.13
C CYS A 220 -33.55 1.10 16.94
N ALA A 221 -33.75 0.70 18.19
CA ALA A 221 -32.67 0.27 19.07
C ALA A 221 -32.73 -1.25 19.21
N HIS A 222 -31.96 -1.79 20.15
CA HIS A 222 -31.91 -3.22 20.48
C HIS A 222 -31.62 -4.11 19.28
N ASP A 223 -31.32 -3.54 18.11
CA ASP A 223 -30.95 -4.33 16.96
C ASP A 223 -29.44 -4.54 16.98
N HIS A 224 -29.01 -5.79 16.73
CA HIS A 224 -27.59 -6.05 16.57
C HIS A 224 -27.15 -5.58 15.18
N ILE A 225 -27.05 -4.26 15.01
CA ILE A 225 -26.82 -3.72 13.68
C ILE A 225 -25.34 -3.88 13.29
N SER A 226 -25.13 -4.08 11.98
CA SER A 226 -23.80 -4.08 11.39
C SER A 226 -23.87 -3.32 10.08
N TRP A 227 -22.76 -2.67 9.73
CA TRP A 227 -22.71 -1.83 8.54
C TRP A 227 -21.45 -2.05 7.71
N HIS A 228 -21.35 -1.32 6.60
CA HIS A 228 -20.12 -1.25 5.83
C HIS A 228 -19.95 0.20 5.38
N LEU A 229 -18.71 0.68 5.47
CA LEU A 229 -18.41 2.08 5.17
C LEU A 229 -17.29 2.10 4.14
N LEU A 230 -17.68 2.17 2.87
CA LEU A 230 -16.73 2.15 1.76
C LEU A 230 -16.16 3.55 1.57
N GLY A 231 -14.94 3.61 1.04
CA GLY A 231 -14.32 4.90 0.80
C GLY A 231 -13.26 4.88 -0.28
N MET A 232 -13.55 5.54 -1.40
CA MET A 232 -12.56 5.82 -2.42
C MET A 232 -12.63 7.32 -2.74
N SER A 233 -12.18 7.72 -3.93
CA SER A 233 -12.18 9.14 -4.26
C SER A 233 -11.86 9.34 -5.73
N SER A 234 -12.30 10.49 -6.24
CA SER A 234 -11.80 11.03 -7.50
C SER A 234 -11.30 12.46 -7.34
N GLY A 235 -11.45 13.05 -6.15
CA GLY A 235 -10.92 14.36 -5.87
C GLY A 235 -10.04 14.33 -4.63
N PRO A 236 -9.09 15.25 -4.54
CA PRO A 236 -8.14 15.25 -3.41
C PRO A 236 -8.79 15.77 -2.14
N GLU A 237 -9.15 14.85 -1.23
CA GLU A 237 -9.63 15.16 0.12
C GLU A 237 -9.87 13.84 0.84
N LEU A 238 -9.87 13.91 2.17
CA LEU A 238 -10.11 12.76 3.02
C LEU A 238 -11.56 12.73 3.48
N PHE A 239 -12.05 11.53 3.79
CA PHE A 239 -13.45 11.30 4.16
C PHE A 239 -13.49 10.51 5.47
N SER A 240 -13.20 11.20 6.58
CA SER A 240 -13.16 10.54 7.89
C SER A 240 -14.40 10.92 8.72
N ILE A 241 -15.55 10.43 8.25
CA ILE A 241 -16.83 10.77 8.84
C ILE A 241 -16.98 10.11 10.19
N HIS A 242 -17.50 10.83 11.18
CA HIS A 242 -17.72 10.31 12.52
C HIS A 242 -19.21 10.22 12.80
N PHE A 243 -19.63 9.07 13.33
CA PHE A 243 -21.01 8.89 13.78
C PHE A 243 -21.32 9.88 14.89
N ASN A 244 -22.59 9.97 15.29
CA ASN A 244 -23.03 10.92 16.30
C ASN A 244 -23.56 10.15 17.49
N GLY A 245 -22.70 9.91 18.48
CA GLY A 245 -23.08 9.20 19.69
C GLY A 245 -23.27 7.70 19.50
N GLN A 246 -22.16 6.97 19.49
CA GLN A 246 -22.21 5.51 19.35
C GLN A 246 -20.79 4.97 19.53
N VAL A 247 -20.68 3.89 20.28
CA VAL A 247 -19.43 3.15 20.39
C VAL A 247 -19.43 2.07 19.31
N LEU A 248 -18.38 2.07 18.49
CA LEU A 248 -18.34 1.24 17.30
C LEU A 248 -17.48 -0.01 17.52
N GLU A 249 -17.53 -0.91 16.53
CA GLU A 249 -16.80 -2.17 16.54
C GLU A 249 -16.03 -2.25 15.21
N GLN A 250 -14.81 -1.73 15.21
CA GLN A 250 -14.03 -1.57 13.98
C GLN A 250 -12.61 -2.04 14.18
N ASN A 251 -12.15 -2.93 13.29
CA ASN A 251 -10.75 -3.34 13.18
C ASN A 251 -10.19 -3.86 14.50
N HIS A 252 -10.97 -4.70 15.19
CA HIS A 252 -10.55 -5.42 16.38
C HIS A 252 -10.21 -4.49 17.55
N HIS A 253 -10.26 -3.17 17.34
CA HIS A 253 -9.93 -2.23 18.40
C HIS A 253 -11.12 -1.35 18.67
N LYS A 254 -11.50 -1.25 19.93
CA LYS A 254 -12.66 -0.47 20.34
C LYS A 254 -12.45 1.00 20.03
N VAL A 255 -12.40 1.36 18.75
CA VAL A 255 -12.24 2.75 18.35
C VAL A 255 -13.58 3.46 18.47
N SER A 256 -13.62 4.74 18.17
CA SER A 256 -14.82 5.55 18.33
C SER A 256 -15.22 6.25 17.05
N ALA A 257 -14.40 7.17 16.56
CA ALA A 257 -14.65 7.87 15.31
C ALA A 257 -14.11 7.05 14.14
N ILE A 258 -14.91 6.93 13.09
CA ILE A 258 -14.46 6.24 11.88
C ILE A 258 -13.33 7.04 11.28
N THR A 259 -12.15 6.42 11.20
CA THR A 259 -10.93 7.09 10.75
C THR A 259 -10.41 6.35 9.52
N LEU A 260 -10.65 6.93 8.35
CA LEU A 260 -10.27 6.28 7.10
C LEU A 260 -10.14 7.35 6.03
N VAL A 261 -9.29 7.07 5.03
CA VAL A 261 -9.26 7.90 3.84
C VAL A 261 -9.86 7.11 2.69
N SER A 262 -9.36 7.32 1.47
CA SER A 262 -9.93 6.72 0.28
C SER A 262 -9.41 5.30 0.04
N ALA A 263 -9.73 4.75 -1.13
CA ALA A 263 -9.25 3.49 -1.71
C ALA A 263 -9.67 2.24 -0.94
N THR A 264 -10.14 2.35 0.30
CA THR A 264 -10.42 1.17 1.11
C THR A 264 -11.86 1.24 1.60
N SER A 265 -12.09 0.80 2.85
CA SER A 265 -13.42 0.73 3.43
C SER A 265 -13.31 0.40 4.90
N THR A 266 -14.16 1.06 5.70
CA THR A 266 -14.33 0.70 7.11
C THR A 266 -15.70 0.06 7.28
N THR A 267 -16.10 -0.18 8.52
CA THR A 267 -17.43 -0.71 8.82
C THR A 267 -17.98 -0.03 10.05
N ALA A 268 -19.13 -0.53 10.52
CA ALA A 268 -19.78 -0.02 11.72
C ALA A 268 -20.72 -1.08 12.27
N ASN A 269 -20.46 -1.52 13.49
CA ASN A 269 -21.36 -2.42 14.22
C ASN A 269 -21.91 -1.63 15.39
N MET A 270 -23.20 -1.34 15.37
CA MET A 270 -23.82 -0.43 16.32
C MET A 270 -24.60 -1.23 17.37
N THR A 271 -24.00 -1.40 18.54
CA THR A 271 -24.71 -1.92 19.70
C THR A 271 -25.57 -0.79 20.26
N VAL A 272 -26.82 -0.71 19.82
CA VAL A 272 -27.72 0.38 20.17
C VAL A 272 -28.48 0.01 21.43
N GLY A 273 -29.20 0.99 21.98
CA GLY A 273 -29.94 0.80 23.21
C GLY A 273 -31.09 1.80 23.36
N PRO A 274 -30.77 3.10 23.30
CA PRO A 274 -31.84 4.10 23.34
C PRO A 274 -32.19 4.62 21.95
N GLU A 275 -33.11 5.59 21.87
CA GLU A 275 -33.64 6.08 20.60
C GLU A 275 -33.21 7.54 20.39
N GLY A 276 -33.86 8.21 19.43
CA GLY A 276 -33.60 9.61 19.19
C GLY A 276 -33.47 10.00 17.73
N LYS A 277 -32.50 10.87 17.44
CA LYS A 277 -32.29 11.42 16.11
C LYS A 277 -30.92 12.10 16.08
N TRP A 278 -30.08 11.69 15.14
CA TRP A 278 -28.71 12.20 15.09
C TRP A 278 -28.32 12.52 13.66
N ILE A 279 -27.26 13.33 13.52
CA ILE A 279 -26.73 13.75 12.24
C ILE A 279 -25.24 13.42 12.21
N ILE A 280 -24.79 12.80 11.13
CA ILE A 280 -23.40 12.38 11.00
C ILE A 280 -22.75 13.14 9.84
N SER A 281 -21.45 13.39 9.99
CA SER A 281 -20.69 14.11 8.98
C SER A 281 -19.22 14.07 9.35
N SER A 282 -18.38 14.51 8.41
CA SER A 282 -16.96 14.73 8.67
C SER A 282 -16.74 16.20 8.99
N LEU A 283 -15.52 16.54 9.42
CA LEU A 283 -15.27 17.86 10.04
C LEU A 283 -14.04 18.51 9.41
N THR A 284 -14.26 19.29 8.35
CA THR A 284 -13.24 20.15 7.77
C THR A 284 -13.93 21.44 7.38
N PRO A 285 -13.15 22.47 6.99
CA PRO A 285 -13.77 23.66 6.38
C PRO A 285 -14.51 23.38 5.08
N LYS A 286 -14.40 22.17 4.54
CA LYS A 286 -15.15 21.79 3.34
C LYS A 286 -16.24 20.76 3.63
N HIS A 287 -16.06 19.92 4.65
CA HIS A 287 -17.05 18.89 4.93
C HIS A 287 -18.33 19.44 5.55
N LEU A 288 -18.30 20.65 6.10
CA LEU A 288 -19.46 21.21 6.79
C LEU A 288 -19.98 22.51 6.19
N GLN A 289 -19.23 23.19 5.32
CA GLN A 289 -19.70 24.44 4.74
C GLN A 289 -20.90 24.20 3.83
N ALA A 290 -20.67 23.49 2.73
CA ALA A 290 -21.76 23.10 1.84
C ALA A 290 -22.84 22.32 2.57
N GLY A 291 -22.48 21.52 3.56
CA GLY A 291 -23.46 20.87 4.41
C GLY A 291 -23.53 19.37 4.25
N MET A 292 -22.41 18.73 3.87
CA MET A 292 -22.35 17.28 3.78
C MET A 292 -22.74 16.67 5.11
N GLN A 293 -23.96 16.15 5.21
CA GLN A 293 -24.48 15.59 6.44
C GLN A 293 -25.40 14.43 6.09
N ALA A 294 -26.28 14.07 7.02
CA ALA A 294 -27.26 13.02 6.81
C ALA A 294 -28.57 13.46 7.44
N TYR A 295 -29.51 12.52 7.61
CA TYR A 295 -30.77 12.79 8.32
C TYR A 295 -31.28 11.43 8.83
N ILE A 296 -30.80 11.04 10.00
CA ILE A 296 -31.13 9.75 10.57
C ILE A 296 -32.31 9.92 11.53
N ASP A 297 -32.90 8.80 11.93
CA ASP A 297 -34.04 8.79 12.83
C ASP A 297 -34.13 7.43 13.51
N ILE A 298 -34.55 7.43 14.77
CA ILE A 298 -34.66 6.21 15.56
C ILE A 298 -36.08 6.08 16.06
N LYS A 299 -36.61 4.84 16.00
CA LYS A 299 -37.95 4.55 16.49
C LYS A 299 -37.91 3.55 17.64
N ASN A 300 -38.98 2.75 17.77
CA ASN A 300 -39.11 1.79 18.87
C ASN A 300 -39.47 0.42 18.32
N CYS A 301 -38.98 -0.63 18.98
CA CYS A 301 -39.19 -2.00 18.60
C CYS A 301 -39.10 -2.88 19.83
N PRO A 302 -39.79 -4.03 19.85
CA PRO A 302 -39.93 -4.81 21.08
C PRO A 302 -38.84 -5.84 21.35
N LYS A 303 -37.61 -5.63 20.89
CA LYS A 303 -36.56 -6.60 21.19
C LYS A 303 -36.07 -6.46 22.63
N LYS A 304 -35.53 -7.55 23.15
CA LYS A 304 -34.99 -7.56 24.52
C LYS A 304 -33.89 -8.61 24.57
N THR A 305 -32.66 -8.18 24.86
CA THR A 305 -31.52 -9.09 24.90
C THR A 305 -31.02 -9.22 26.34
N ARG A 306 -29.70 -9.23 26.53
CA ARG A 306 -29.13 -9.43 27.85
C ARG A 306 -29.28 -8.17 28.71
N ASN A 307 -29.19 -8.37 30.02
CA ASN A 307 -29.39 -7.32 31.00
C ASN A 307 -28.04 -6.72 31.42
N LEU A 308 -28.10 -5.91 32.47
CA LEU A 308 -26.94 -5.17 32.96
C LEU A 308 -26.51 -5.69 34.32
N LYS A 309 -25.31 -5.29 34.75
CA LYS A 309 -24.76 -5.68 36.04
C LYS A 309 -24.36 -4.42 36.81
N LYS A 310 -24.33 -4.52 38.13
CA LYS A 310 -24.06 -3.36 38.98
C LYS A 310 -23.10 -3.61 40.12
N ILE A 311 -22.93 -4.85 40.60
CA ILE A 311 -22.09 -5.14 41.76
C ILE A 311 -21.11 -6.24 41.38
N THR A 312 -19.90 -6.16 41.93
CA THR A 312 -18.85 -7.16 41.67
C THR A 312 -18.31 -7.67 43.00
N ARG A 313 -18.85 -8.79 43.47
CA ARG A 313 -18.37 -9.54 44.63
C ARG A 313 -18.33 -8.73 45.93
N GLU A 314 -19.03 -7.59 45.98
CA GLU A 314 -19.23 -6.78 47.18
C GLU A 314 -17.95 -6.19 47.76
N GLN A 315 -16.76 -6.54 47.25
CA GLN A 315 -15.53 -5.94 47.73
C GLN A 315 -14.93 -4.94 46.74
N ARG A 316 -14.88 -5.29 45.46
CA ARG A 316 -14.45 -4.35 44.41
C ARG A 316 -15.68 -3.65 43.84
N ARG A 317 -16.36 -2.91 44.72
CA ARG A 317 -17.65 -2.31 44.37
C ARG A 317 -17.50 -1.06 43.50
N HIS A 318 -16.61 -0.15 43.89
CA HIS A 318 -16.39 1.11 43.17
C HIS A 318 -17.70 1.90 43.05
N MET A 319 -18.27 2.23 44.21
CA MET A 319 -19.46 3.08 44.29
C MET A 319 -18.97 4.53 44.17
N LYS A 320 -18.72 4.95 42.93
CA LYS A 320 -18.11 6.24 42.65
C LYS A 320 -19.00 7.05 41.72
N ARG A 321 -19.09 8.35 42.01
CA ARG A 321 -19.79 9.34 41.23
C ARG A 321 -19.46 10.70 41.83
N TRP A 322 -19.35 11.71 40.97
CA TRP A 322 -18.80 13.00 41.38
C TRP A 322 -19.71 14.14 40.96
N GLU A 323 -19.82 15.14 41.83
CA GLU A 323 -20.52 16.37 41.50
C GLU A 323 -19.68 17.22 40.56
N TYR A 324 -20.36 18.08 39.81
CA TYR A 324 -19.66 18.93 38.85
C TYR A 324 -20.53 20.11 38.47
N PHE A 325 -19.89 21.24 38.17
CA PHE A 325 -20.56 22.42 37.64
C PHE A 325 -19.61 23.11 36.66
N ILE A 326 -19.99 23.11 35.38
CA ILE A 326 -19.18 23.65 34.30
C ILE A 326 -19.82 24.95 33.81
N ALA A 327 -19.01 26.01 33.79
CA ALA A 327 -19.47 27.36 33.50
C ALA A 327 -19.35 27.68 32.00
N ALA A 328 -19.65 28.92 31.63
CA ALA A 328 -19.53 29.38 30.25
C ALA A 328 -19.44 30.91 30.26
N GLU A 329 -18.22 31.43 30.26
CA GLU A 329 -17.98 32.86 30.46
C GLU A 329 -17.36 33.49 29.21
N GLU A 330 -17.73 34.74 28.95
CA GLU A 330 -17.16 35.50 27.82
C GLU A 330 -16.05 36.42 28.34
N VAL A 331 -14.88 35.83 28.54
CA VAL A 331 -13.74 36.55 29.08
C VAL A 331 -12.63 36.59 28.02
N ILE A 332 -11.59 37.38 28.30
CA ILE A 332 -10.40 37.49 27.47
C ILE A 332 -9.20 37.09 28.31
N TRP A 333 -8.19 36.50 27.66
CA TRP A 333 -7.05 35.94 28.36
C TRP A 333 -5.77 36.19 27.57
N ASP A 334 -4.70 36.55 28.29
CA ASP A 334 -3.39 36.80 27.70
C ASP A 334 -2.52 35.55 27.83
N TYR A 335 -1.81 35.20 26.75
CA TYR A 335 -1.18 33.90 26.63
C TYR A 335 0.34 33.94 26.74
N ALA A 336 1.03 34.48 25.73
CA ALA A 336 2.45 34.21 25.54
C ALA A 336 3.29 35.49 25.64
N PRO A 337 4.24 35.57 26.57
CA PRO A 337 5.27 36.62 26.50
C PRO A 337 6.29 36.35 25.40
N VAL A 338 7.57 36.50 25.73
CA VAL A 338 8.61 36.15 24.78
C VAL A 338 8.67 34.64 24.62
N ILE A 339 8.96 34.19 23.40
CA ILE A 339 8.74 32.79 23.04
C ILE A 339 9.98 31.98 23.40
N PRO A 340 9.84 30.90 24.19
CA PRO A 340 10.97 29.98 24.41
C PRO A 340 11.26 29.14 23.18
N ALA A 341 12.20 28.21 23.29
CA ALA A 341 12.59 27.36 22.17
C ALA A 341 12.05 25.95 22.32
N ILE A 359 -3.31 41.12 18.41
CA ILE A 359 -2.62 42.19 19.12
C ILE A 359 -1.27 41.69 19.60
N GLY A 360 -1.25 40.50 20.20
CA GLY A 360 0.00 39.96 20.68
C GLY A 360 -0.13 38.67 21.45
N LYS A 361 -0.91 38.70 22.53
CA LYS A 361 -1.06 37.54 23.42
C LYS A 361 -2.45 37.44 24.05
N HIS A 362 -3.18 38.55 24.17
CA HIS A 362 -4.51 38.55 24.76
C HIS A 362 -5.55 38.45 23.66
N TYR A 363 -6.40 37.43 23.75
CA TYR A 363 -7.47 37.16 22.79
C TYR A 363 -8.65 36.59 23.56
N LYS A 364 -9.87 36.83 23.08
CA LYS A 364 -11.05 36.36 23.81
C LYS A 364 -11.18 34.85 23.70
N LYS A 365 -11.91 34.28 24.66
CA LYS A 365 -12.14 32.84 24.67
C LYS A 365 -13.29 32.45 25.58
N VAL A 366 -14.29 31.76 25.04
CA VAL A 366 -15.35 31.16 25.82
C VAL A 366 -14.96 29.70 26.04
N MET A 367 -14.39 29.41 27.21
CA MET A 367 -13.94 28.07 27.55
C MET A 367 -14.56 27.64 28.87
N TYR A 368 -14.59 26.34 29.07
CA TYR A 368 -15.15 25.78 30.29
C TYR A 368 -14.21 26.03 31.47
N THR A 369 -14.74 25.89 32.68
CA THR A 369 -13.95 25.97 33.91
C THR A 369 -14.48 24.97 34.92
N GLN A 370 -13.59 24.41 35.72
CA GLN A 370 -13.97 23.41 36.72
C GLN A 370 -14.39 24.09 38.02
N TYR A 371 -15.19 23.37 38.81
CA TYR A 371 -15.67 23.89 40.07
C TYR A 371 -15.55 22.83 41.16
N GLU A 372 -15.51 23.31 42.41
CA GLU A 372 -15.52 22.44 43.58
C GLU A 372 -16.81 22.52 44.38
N ASP A 373 -17.59 23.59 44.22
CA ASP A 373 -18.80 23.79 44.99
C ASP A 373 -19.78 24.63 44.20
N GLU A 374 -21.07 24.46 44.51
CA GLU A 374 -22.12 25.28 43.90
C GLU A 374 -22.16 26.70 44.46
N SER A 375 -21.24 27.05 45.36
CA SER A 375 -21.27 28.35 46.03
C SER A 375 -21.07 29.51 45.07
N PHE A 376 -20.80 29.21 43.80
CA PHE A 376 -20.70 30.22 42.73
C PHE A 376 -19.60 31.24 43.04
N THR A 377 -18.44 30.75 43.47
CA THR A 377 -17.33 31.61 43.86
C THR A 377 -16.38 31.90 42.70
N LYS A 378 -15.30 31.12 42.58
CA LYS A 378 -14.16 31.50 41.76
C LYS A 378 -13.76 30.30 40.89
N HIS A 379 -12.51 30.28 40.47
CA HIS A 379 -11.93 29.16 39.73
C HIS A 379 -11.35 28.19 40.74
N THR A 380 -11.88 26.95 40.76
CA THR A 380 -11.39 25.96 41.71
C THR A 380 -9.91 25.66 41.49
N VAL A 381 -9.50 25.42 40.26
CA VAL A 381 -8.08 25.31 39.95
C VAL A 381 -7.46 26.67 40.25
N ASN A 382 -7.08 26.87 41.53
CA ASN A 382 -6.57 28.19 41.94
C ASN A 382 -5.30 28.55 41.19
N PRO A 383 -4.29 27.66 41.06
CA PRO A 383 -3.19 27.93 40.14
C PRO A 383 -3.20 26.98 38.95
N ASN A 384 -3.55 27.45 37.76
CA ASN A 384 -3.44 26.65 36.54
C ASN A 384 -2.02 26.10 36.46
N MET A 385 -1.79 24.99 37.17
CA MET A 385 -0.44 24.48 37.36
C MET A 385 0.22 24.17 36.02
N LYS A 386 1.51 24.49 35.93
CA LYS A 386 2.25 24.49 34.67
C LYS A 386 2.36 23.11 34.03
N GLU A 387 1.23 22.45 33.82
CA GLU A 387 1.16 21.26 32.97
C GLU A 387 -0.02 21.31 32.02
N ASP A 388 -1.12 21.95 32.41
CA ASP A 388 -2.26 22.16 31.53
C ASP A 388 -2.32 23.58 30.97
N GLY A 389 -2.04 24.59 31.79
CA GLY A 389 -1.97 25.94 31.30
C GLY A 389 -3.32 26.60 31.12
N ILE A 390 -3.78 26.69 29.88
CA ILE A 390 -5.09 27.24 29.59
C ILE A 390 -5.97 26.13 29.02
N LEU A 391 -5.45 24.91 29.01
CA LEU A 391 -6.28 23.76 28.69
C LEU A 391 -7.47 23.71 29.63
N GLY A 392 -8.61 23.26 29.12
CA GLY A 392 -9.85 23.29 29.86
C GLY A 392 -9.86 22.39 31.08
N PRO A 393 -11.02 22.23 31.70
CA PRO A 393 -11.14 21.32 32.84
C PRO A 393 -11.00 19.87 32.40
N ILE A 394 -10.52 19.05 33.33
CA ILE A 394 -10.26 17.65 33.04
C ILE A 394 -11.53 16.84 33.24
N ILE A 395 -12.41 16.85 32.24
CA ILE A 395 -13.65 16.08 32.31
C ILE A 395 -13.31 14.60 32.21
N ARG A 396 -13.46 13.89 33.32
CA ARG A 396 -13.19 12.45 33.36
C ARG A 396 -14.47 11.67 33.61
N ASP A 401 -21.55 5.12 34.65
CA ASP A 401 -21.71 6.25 35.57
C ASP A 401 -22.57 7.33 34.90
N THR A 402 -23.79 7.51 35.40
CA THR A 402 -24.72 8.45 34.78
C THR A 402 -24.32 9.89 35.12
N LEU A 403 -25.18 10.83 34.76
CA LEU A 403 -24.79 12.24 34.72
C LEU A 403 -25.23 12.99 35.97
N LYS A 404 -24.47 12.76 37.05
CA LYS A 404 -24.39 13.71 38.15
C LYS A 404 -23.14 14.57 38.05
N ILE A 405 -22.32 14.34 37.03
CA ILE A 405 -21.33 15.31 36.57
C ILE A 405 -22.10 16.31 35.71
N VAL A 406 -22.48 17.43 36.30
CA VAL A 406 -23.37 18.39 35.66
C VAL A 406 -22.55 19.59 35.20
N PHE A 407 -23.25 20.58 34.66
CA PHE A 407 -22.69 21.81 34.14
C PHE A 407 -23.62 22.96 34.49
N LYS A 408 -23.35 24.13 33.90
CA LYS A 408 -24.20 25.30 34.14
C LYS A 408 -23.83 26.39 33.14
N ASN A 409 -24.71 26.64 32.18
CA ASN A 409 -24.45 27.68 31.19
C ASN A 409 -24.71 29.07 31.77
N MET A 410 -23.91 30.03 31.33
CA MET A 410 -24.08 31.42 31.76
C MET A 410 -24.21 32.40 30.61
N ALA A 411 -24.30 31.92 29.37
CA ALA A 411 -24.47 32.80 28.21
C ALA A 411 -25.95 33.09 28.00
N SER A 412 -26.30 33.56 26.81
CA SER A 412 -27.68 33.90 26.48
C SER A 412 -28.37 32.83 25.64
N ARG A 413 -27.83 31.62 25.60
CA ARG A 413 -28.41 30.54 24.80
C ARG A 413 -27.89 29.22 25.34
N PRO A 414 -28.69 28.16 25.30
CA PRO A 414 -28.19 26.84 25.74
C PRO A 414 -26.97 26.40 24.95
N TYR A 415 -25.89 26.08 25.67
CA TYR A 415 -24.66 25.58 25.10
C TYR A 415 -24.35 24.19 25.68
N SER A 416 -23.60 23.40 24.92
CA SER A 416 -23.64 21.95 25.02
C SER A 416 -22.40 21.36 25.70
N ILE A 417 -22.60 20.15 26.23
CA ILE A 417 -21.53 19.27 26.71
C ILE A 417 -21.86 17.85 26.29
N TYR A 418 -20.96 17.21 25.54
CA TYR A 418 -21.25 15.90 24.99
C TYR A 418 -19.97 15.08 24.86
N PRO A 419 -19.87 13.92 25.54
CA PRO A 419 -18.66 13.10 25.43
C PRO A 419 -18.75 12.03 24.36
N HIS A 420 -17.62 11.43 24.02
CA HIS A 420 -17.57 10.38 23.02
C HIS A 420 -17.68 9.01 23.69
N GLY A 421 -17.64 7.95 22.89
CA GLY A 421 -17.53 6.60 23.41
C GLY A 421 -18.69 6.12 24.25
N VAL A 422 -19.84 6.78 24.15
CA VAL A 422 -21.00 6.44 24.95
C VAL A 422 -22.23 6.33 24.05
N THR A 423 -22.97 5.24 24.20
CA THR A 423 -24.34 5.18 23.68
C THR A 423 -25.28 5.77 24.72
N PHE A 424 -25.02 7.04 25.06
CA PHE A 424 -25.70 7.68 26.16
C PHE A 424 -27.20 7.75 25.90
N SER A 425 -27.98 7.64 26.97
CA SER A 425 -29.42 7.68 26.85
C SER A 425 -29.90 9.10 26.67
N PRO A 426 -30.80 9.38 25.70
CA PRO A 426 -31.40 10.72 25.61
C PRO A 426 -32.30 11.03 26.78
N TYR A 427 -32.31 10.16 27.80
CA TYR A 427 -32.88 10.53 29.08
C TYR A 427 -32.18 11.76 29.66
N GLU A 428 -30.90 11.92 29.37
CA GLU A 428 -30.17 13.18 29.57
C GLU A 428 -29.62 13.64 28.23
N ASP A 429 -30.52 14.03 27.33
CA ASP A 429 -30.21 14.15 25.91
C ASP A 429 -29.24 15.26 25.54
N GLU A 430 -29.78 16.45 25.23
CA GLU A 430 -29.13 17.47 24.41
C GLU A 430 -29.13 17.06 22.94
N VAL A 431 -30.18 16.35 22.53
CA VAL A 431 -30.32 15.91 21.14
C VAL A 431 -30.47 17.10 20.21
N ASN A 432 -29.35 17.56 19.64
CA ASN A 432 -29.36 18.63 18.66
C ASN A 432 -29.62 18.02 17.29
N SER A 433 -30.88 17.65 17.07
CA SER A 433 -31.26 16.99 15.83
C SER A 433 -31.25 17.99 14.67
N SER A 434 -31.50 17.47 13.46
CA SER A 434 -31.57 18.33 12.28
C SER A 434 -32.66 19.38 12.40
N PHE A 435 -33.80 19.04 13.00
CA PHE A 435 -34.86 19.99 13.30
C PHE A 435 -34.64 20.52 14.71
N THR A 436 -34.24 21.79 14.82
CA THR A 436 -34.10 22.44 16.11
C THR A 436 -35.47 22.83 16.63
N SER A 437 -35.90 22.20 17.72
CA SER A 437 -37.19 22.52 18.31
C SER A 437 -37.18 23.92 18.89
N GLY A 438 -38.32 24.32 19.46
CA GLY A 438 -38.49 25.68 19.92
C GLY A 438 -37.55 26.07 21.04
N ARG A 439 -37.52 27.37 21.29
CA ARG A 439 -36.59 27.97 22.22
C ARG A 439 -37.13 28.09 23.64
N ASN A 440 -38.45 28.07 23.82
CA ASN A 440 -39.05 28.33 25.12
C ASN A 440 -39.72 27.10 25.73
N ASN A 441 -40.72 26.52 25.05
CA ASN A 441 -41.61 25.55 25.68
C ASN A 441 -41.75 24.24 24.91
N THR A 442 -40.82 23.90 24.01
CA THR A 442 -40.92 22.65 23.29
C THR A 442 -40.21 21.55 24.07
N MET A 443 -39.59 20.60 23.38
CA MET A 443 -39.12 19.39 24.04
C MET A 443 -37.81 19.66 24.79
N ILE A 444 -37.14 18.58 25.18
CA ILE A 444 -36.08 18.62 26.19
C ILE A 444 -34.69 18.83 25.57
N ARG A 445 -34.63 19.49 24.42
CA ARG A 445 -33.34 19.73 23.76
C ARG A 445 -32.59 20.95 24.30
N ALA A 446 -32.95 21.60 25.40
CA ALA A 446 -32.31 22.86 25.77
C ALA A 446 -31.91 22.86 27.23
N VAL A 447 -30.98 23.75 27.57
CA VAL A 447 -30.52 23.97 28.94
C VAL A 447 -30.33 25.48 29.09
N GLN A 448 -31.31 26.14 29.71
CA GLN A 448 -31.28 27.57 29.86
C GLN A 448 -30.19 27.98 30.85
N PRO A 449 -29.70 29.21 30.76
CA PRO A 449 -28.64 29.67 31.68
C PRO A 449 -29.12 29.65 33.13
N GLY A 450 -28.20 29.28 34.02
CA GLY A 450 -28.53 29.12 35.42
C GLY A 450 -28.95 27.69 35.77
N GLU A 451 -29.48 26.98 34.79
CA GLU A 451 -29.91 25.61 34.99
C GLU A 451 -28.69 24.68 35.01
N THR A 452 -28.87 23.48 35.56
CA THR A 452 -27.80 22.51 35.65
C THR A 452 -28.06 21.30 34.75
N ASP A 463 -18.41 -0.08 27.43
CA ASP A 463 -17.15 0.43 26.88
C ASP A 463 -15.97 -0.34 27.46
N GLU A 464 -15.84 -1.61 27.08
CA GLU A 464 -14.67 -2.40 27.47
C GLU A 464 -13.66 -2.36 26.34
N PRO A 465 -12.61 -1.54 26.45
CA PRO A 465 -11.66 -1.42 25.35
C PRO A 465 -10.82 -2.67 25.19
N THR A 466 -10.50 -2.98 23.94
CA THR A 466 -9.66 -4.13 23.63
C THR A 466 -8.32 -3.96 24.33
N GLU A 467 -7.97 -4.92 25.19
CA GLU A 467 -6.82 -4.79 26.08
C GLU A 467 -5.51 -4.78 25.30
N ASN A 468 -5.57 -4.97 23.98
CA ASN A 468 -4.37 -4.74 23.17
C ASN A 468 -3.94 -3.29 23.25
N ASP A 469 -4.88 -2.38 23.49
CA ASP A 469 -4.55 -0.97 23.69
C ASP A 469 -3.78 -0.79 24.99
N ALA A 470 -3.78 0.46 25.49
CA ALA A 470 -3.17 0.76 26.77
C ALA A 470 -3.89 0.02 27.90
N GLN A 471 -3.45 0.23 29.14
CA GLN A 471 -4.15 -0.32 30.29
C GLN A 471 -5.55 0.29 30.41
N CYS A 472 -5.82 1.34 29.63
CA CYS A 472 -7.16 1.91 29.50
C CYS A 472 -7.17 2.82 28.27
N LEU A 473 -8.34 2.92 27.65
CA LEU A 473 -8.48 3.69 26.42
C LEU A 473 -8.46 5.19 26.70
N THR A 474 -8.71 6.01 25.67
CA THR A 474 -8.71 7.45 25.82
C THR A 474 -9.64 8.05 24.77
N ARG A 475 -10.30 9.14 25.15
CA ARG A 475 -11.24 9.79 24.24
C ARG A 475 -11.49 11.24 24.65
N PRO A 476 -11.45 12.17 23.71
CA PRO A 476 -11.76 13.57 23.99
C PRO A 476 -13.17 13.93 23.52
N TYR A 477 -13.57 15.16 23.84
CA TYR A 477 -14.88 15.65 23.41
C TYR A 477 -14.80 17.03 22.80
N TYR A 478 -15.96 17.67 22.62
CA TYR A 478 -16.05 19.01 22.08
C TYR A 478 -17.41 19.58 22.49
N SER A 479 -17.69 20.81 22.07
CA SER A 479 -19.00 21.44 22.28
C SER A 479 -19.92 20.96 21.17
N ASP A 480 -21.07 20.42 21.54
CA ASP A 480 -21.97 19.77 20.59
C ASP A 480 -22.97 20.73 19.94
N VAL A 481 -22.94 22.02 20.26
CA VAL A 481 -23.86 22.98 19.64
C VAL A 481 -23.61 23.01 18.13
N ASP A 482 -22.51 23.64 17.73
CA ASP A 482 -22.13 23.73 16.32
C ASP A 482 -20.68 23.27 16.23
N ILE A 483 -20.47 22.11 15.60
CA ILE A 483 -19.12 21.57 15.43
C ILE A 483 -18.31 22.31 14.39
N MET A 484 -18.60 23.57 14.15
CA MET A 484 -17.86 24.38 13.19
C MET A 484 -17.87 25.87 13.50
N ARG A 485 -18.99 26.40 14.00
CA ARG A 485 -19.12 27.82 14.30
C ARG A 485 -18.98 28.10 15.78
N ASP A 486 -19.92 27.60 16.59
CA ASP A 486 -19.85 27.81 18.04
C ASP A 486 -18.71 27.03 18.67
N ILE A 487 -18.15 26.05 17.99
CA ILE A 487 -16.95 25.38 18.50
C ILE A 487 -15.68 26.15 18.15
N ALA A 488 -15.76 27.10 17.22
CA ALA A 488 -14.57 27.79 16.76
C ALA A 488 -13.99 28.70 17.84
N SER A 489 -14.81 29.62 18.35
CA SER A 489 -14.36 30.63 19.31
C SER A 489 -13.91 30.03 20.64
N GLY A 490 -12.94 29.11 20.60
CA GLY A 490 -12.34 28.58 21.80
C GLY A 490 -13.20 27.59 22.57
N LEU A 491 -14.46 27.41 22.16
CA LEU A 491 -15.38 26.52 22.87
C LEU A 491 -15.02 25.06 22.59
N ILE A 492 -13.91 24.63 23.19
CA ILE A 492 -13.42 23.26 23.02
C ILE A 492 -12.95 22.76 24.39
N GLY A 493 -13.38 21.56 24.77
CA GLY A 493 -12.90 20.92 25.98
C GLY A 493 -12.13 19.65 25.67
N LEU A 494 -11.62 19.03 26.73
CA LEU A 494 -10.85 17.81 26.58
C LEU A 494 -11.32 16.77 27.59
N LEU A 495 -11.55 15.55 27.11
CA LEU A 495 -12.08 14.45 27.92
C LEU A 495 -11.01 13.38 28.11
N LEU A 496 -11.18 12.57 29.15
CA LEU A 496 -10.25 11.47 29.43
C LEU A 496 -10.96 10.35 30.20
N ILE A 497 -11.25 9.25 29.52
CA ILE A 497 -11.85 8.08 30.13
C ILE A 497 -10.77 7.03 30.31
N CYS A 498 -10.83 6.29 31.42
CA CYS A 498 -9.82 5.26 31.68
C CYS A 498 -10.54 4.01 32.18
N LYS A 499 -9.82 3.18 32.93
CA LYS A 499 -10.34 1.89 33.38
C LYS A 499 -10.95 2.02 34.77
N SER A 500 -11.66 0.98 35.18
CA SER A 500 -12.26 0.91 36.50
C SER A 500 -11.22 0.64 37.58
N ARG A 501 -10.10 1.35 37.52
CA ARG A 501 -9.03 1.18 38.51
C ARG A 501 -8.55 2.52 39.03
N SER A 502 -9.47 3.44 39.32
CA SER A 502 -9.15 4.80 39.74
C SER A 502 -10.06 5.18 40.90
N LEU A 503 -9.51 5.22 42.10
CA LEU A 503 -10.30 5.54 43.29
C LEU A 503 -9.47 6.41 44.22
N ASP A 504 -10.15 7.31 44.92
CA ASP A 504 -9.56 8.13 45.96
C ASP A 504 -10.68 8.84 46.68
N ARG A 505 -10.35 9.43 47.83
CA ARG A 505 -11.34 10.17 48.61
C ARG A 505 -11.66 11.50 47.95
N ARG A 506 -10.66 12.36 47.77
CA ARG A 506 -10.85 13.68 47.21
C ARG A 506 -10.89 13.69 45.69
N GLY A 507 -10.82 12.52 45.05
CA GLY A 507 -10.88 12.45 43.60
C GLY A 507 -9.66 13.01 42.91
N ASP A 513 2.23 6.29 34.93
CA ASP A 513 1.82 6.69 36.28
C ASP A 513 1.96 8.20 36.46
N ILE A 514 2.26 8.89 35.36
CA ILE A 514 2.40 10.34 35.37
C ILE A 514 1.55 10.92 34.27
N GLU A 515 0.81 11.98 34.58
CA GLU A 515 -0.09 12.61 33.63
C GLU A 515 0.53 13.88 33.07
N GLN A 516 -0.02 14.32 31.93
CA GLN A 516 0.42 15.54 31.27
C GLN A 516 -0.61 15.93 30.22
N GLN A 517 -0.95 17.22 30.20
CA GLN A 517 -1.93 17.75 29.27
C GLN A 517 -1.22 18.35 28.07
N ALA A 518 -1.73 18.06 26.87
CA ALA A 518 -1.23 18.62 25.62
C ALA A 518 -2.22 18.29 24.51
N VAL A 519 -2.31 19.18 23.51
CA VAL A 519 -3.21 18.95 22.39
C VAL A 519 -2.85 19.92 21.27
N PHE A 520 -2.47 19.38 20.11
CA PHE A 520 -2.07 20.17 18.96
C PHE A 520 -3.30 20.73 18.22
N ALA A 521 -4.10 21.50 18.95
CA ALA A 521 -5.27 22.11 18.37
C ALA A 521 -4.92 23.47 17.76
N VAL A 522 -5.94 24.18 17.29
CA VAL A 522 -5.76 25.52 16.73
C VAL A 522 -6.84 26.41 17.35
N PHE A 523 -6.45 27.63 17.72
CA PHE A 523 -7.42 28.58 18.26
C PHE A 523 -8.13 29.28 17.11
N ASP A 524 -8.69 28.50 16.20
CA ASP A 524 -9.49 29.05 15.11
C ASP A 524 -10.77 29.65 15.67
N GLU A 525 -10.71 30.89 16.13
CA GLU A 525 -11.82 31.57 16.80
C GLU A 525 -12.50 32.60 15.90
N ASN A 526 -12.92 32.17 14.73
CA ASN A 526 -13.58 33.06 13.78
C ASN A 526 -15.05 33.26 14.13
N ILE A 535 -15.97 42.99 16.49
CA ILE A 535 -15.92 42.93 15.03
C ILE A 535 -15.05 44.07 14.48
N ASN A 536 -15.17 45.25 15.10
CA ASN A 536 -14.52 46.45 14.61
C ASN A 536 -13.41 46.96 15.53
N LYS A 537 -13.67 47.02 16.84
CA LYS A 537 -12.73 47.59 17.80
C LYS A 537 -11.92 46.53 18.53
N PHE A 538 -11.88 45.29 18.04
CA PHE A 538 -11.43 44.19 18.85
C PHE A 538 -9.92 43.96 18.81
N CYS A 539 -9.15 44.77 18.10
CA CYS A 539 -7.72 44.51 18.05
C CYS A 539 -6.90 45.73 18.43
N GLU A 540 -5.59 45.66 18.19
CA GLU A 540 -4.71 46.80 18.46
C GLU A 540 -5.17 48.05 17.73
N ASN A 541 -5.70 47.89 16.52
CA ASN A 541 -6.32 48.99 15.81
C ASN A 541 -7.53 49.46 16.61
N PRO A 542 -7.51 50.69 17.12
CA PRO A 542 -8.46 51.09 18.17
C PRO A 542 -9.92 51.01 17.76
N ASP A 543 -10.24 51.49 16.55
CA ASP A 543 -11.63 51.54 16.11
C ASP A 543 -11.93 50.67 14.89
N GLU A 544 -10.96 50.49 14.00
CA GLU A 544 -11.19 49.80 12.73
C GLU A 544 -10.21 48.64 12.60
N VAL A 545 -10.71 47.42 12.85
CA VAL A 545 -9.99 46.20 12.53
C VAL A 545 -10.98 45.22 11.93
N LYS A 546 -10.47 44.27 11.15
CA LYS A 546 -11.31 43.32 10.44
C LYS A 546 -11.03 41.91 10.91
N ARG A 547 -12.06 41.07 10.82
CA ARG A 547 -11.97 39.66 11.13
C ARG A 547 -12.56 38.87 9.97
N ASP A 548 -12.34 37.55 10.00
CA ASP A 548 -12.82 36.63 8.97
C ASP A 548 -12.19 36.95 7.61
N ASP A 549 -11.00 37.56 7.62
CA ASP A 549 -10.23 37.82 6.42
C ASP A 549 -9.08 36.84 6.37
N PRO A 550 -9.05 35.88 5.43
CA PRO A 550 -8.03 34.83 5.49
C PRO A 550 -6.61 35.34 5.41
N LYS A 551 -6.39 36.46 4.70
CA LYS A 551 -5.06 37.06 4.69
C LYS A 551 -4.67 37.62 6.05
N PHE A 552 -5.66 38.02 6.86
CA PHE A 552 -5.45 38.46 8.23
C PHE A 552 -5.77 37.37 9.25
N TYR A 553 -6.65 36.42 8.89
CA TYR A 553 -7.02 35.38 9.84
C TYR A 553 -5.97 34.28 9.89
N GLU A 554 -5.41 33.91 8.74
CA GLU A 554 -4.23 33.06 8.74
C GLU A 554 -3.00 33.78 9.25
N SER A 555 -3.12 35.07 9.59
CA SER A 555 -2.12 35.79 10.35
C SER A 555 -2.43 35.82 11.84
N ASN A 556 -3.64 35.37 12.24
CA ASN A 556 -3.99 35.23 13.64
C ASN A 556 -4.39 33.80 13.99
N ILE A 557 -4.19 32.84 13.08
CA ILE A 557 -4.50 31.45 13.37
C ILE A 557 -3.52 30.96 14.44
N MET A 558 -4.01 30.76 15.66
CA MET A 558 -3.15 30.41 16.78
C MET A 558 -3.05 28.90 16.92
N SER A 559 -2.41 28.28 15.93
CA SER A 559 -2.09 26.87 16.03
C SER A 559 -1.17 26.63 17.21
N THR A 560 -1.52 25.64 18.02
CA THR A 560 -0.90 25.55 19.33
C THR A 560 -0.92 24.11 19.84
N ILE A 561 -0.01 23.82 20.75
CA ILE A 561 -0.10 22.60 21.55
C ILE A 561 -0.41 23.00 22.99
N ASN A 562 -1.58 22.56 23.47
CA ASN A 562 -2.05 22.74 24.84
C ASN A 562 -2.67 24.12 25.05
N GLY A 563 -2.39 25.09 24.19
CA GLY A 563 -3.12 26.35 24.29
C GLY A 563 -2.46 27.64 23.83
N TYR A 564 -1.34 28.03 24.44
CA TYR A 564 -0.74 29.33 24.19
C TYR A 564 -0.36 29.48 22.71
N VAL A 565 -0.33 30.73 22.25
CA VAL A 565 -0.18 31.07 20.82
C VAL A 565 0.98 30.29 20.22
N PRO A 566 2.22 30.38 20.74
CA PRO A 566 3.13 29.25 20.61
C PRO A 566 3.42 28.66 21.98
N GLU A 567 4.27 27.64 22.06
CA GLU A 567 4.60 27.07 23.36
C GLU A 567 5.28 28.13 24.23
N SER A 568 4.50 28.72 25.14
CA SER A 568 4.92 29.90 25.87
C SER A 568 5.73 29.51 27.10
N ILE A 569 5.50 30.19 28.22
CA ILE A 569 6.27 30.02 29.45
C ILE A 569 6.19 28.59 29.97
N THR A 570 5.10 27.90 29.66
CA THR A 570 4.90 26.55 30.20
C THR A 570 5.85 25.59 29.50
N THR A 571 7.10 25.56 29.96
CA THR A 571 8.11 24.65 29.44
C THR A 571 8.14 23.41 30.31
N LEU A 572 8.06 22.24 29.68
CA LEU A 572 7.77 21.00 30.38
C LEU A 572 9.07 20.24 30.67
N GLY A 573 9.29 19.91 31.94
CA GLY A 573 10.38 19.05 32.34
C GLY A 573 9.85 17.75 32.92
N PHE A 574 10.78 16.83 33.18
CA PHE A 574 10.39 15.50 33.63
C PHE A 574 11.55 14.87 34.38
N CYS A 575 11.23 14.11 35.43
CA CYS A 575 12.21 13.41 36.25
C CYS A 575 12.83 12.25 35.48
N PHE A 576 13.00 11.11 36.15
CA PHE A 576 13.78 10.01 35.61
C PHE A 576 13.24 8.67 36.06
N ASP A 577 13.18 7.72 35.12
CA ASP A 577 12.83 6.32 35.37
C ASP A 577 11.42 6.16 35.92
N ASP A 578 10.46 6.90 35.35
CA ASP A 578 9.06 6.81 35.75
C ASP A 578 8.19 6.89 34.51
N THR A 579 7.16 6.05 34.46
CA THR A 579 6.26 6.04 33.31
C THR A 579 5.41 7.30 33.28
N VAL A 580 5.27 7.87 32.08
CA VAL A 580 4.49 9.09 31.88
C VAL A 580 3.31 8.77 30.96
N GLN A 581 2.47 9.77 30.77
CA GLN A 581 1.37 9.71 29.81
C GLN A 581 1.02 11.13 29.40
N TRP A 582 0.76 11.31 28.10
CA TRP A 582 0.45 12.61 27.53
C TRP A 582 -0.95 12.56 26.95
N HIS A 583 -1.87 13.36 27.51
CA HIS A 583 -3.26 13.36 27.06
C HIS A 583 -3.36 14.13 25.74
N PHE A 584 -2.69 13.58 24.72
CA PHE A 584 -2.55 14.24 23.43
C PHE A 584 -3.82 14.10 22.60
N CYS A 585 -4.13 15.15 21.85
CA CYS A 585 -5.32 15.17 21.02
C CYS A 585 -5.07 16.09 19.82
N SER A 586 -6.12 16.35 19.06
CA SER A 586 -6.05 17.19 17.87
C SER A 586 -7.43 17.71 17.56
N VAL A 587 -7.64 19.01 17.79
CA VAL A 587 -8.92 19.66 17.56
C VAL A 587 -8.70 20.84 16.61
N GLY A 588 -9.79 21.36 16.08
CA GLY A 588 -9.73 22.56 15.27
C GLY A 588 -10.17 22.32 13.85
N THR A 589 -10.32 23.43 13.12
CA THR A 589 -10.80 23.40 11.74
C THR A 589 -9.61 23.56 10.78
N GLN A 590 -8.70 22.60 10.84
CA GLN A 590 -7.60 22.52 9.89
C GLN A 590 -7.78 21.28 9.02
N ASN A 591 -7.42 21.40 7.75
CA ASN A 591 -7.76 20.36 6.77
C ASN A 591 -6.77 19.20 6.75
N GLU A 592 -5.59 19.38 7.32
CA GLU A 592 -4.55 18.35 7.24
C GLU A 592 -4.64 17.40 8.43
N ILE A 593 -3.92 16.28 8.32
CA ILE A 593 -3.68 15.36 9.43
C ILE A 593 -2.23 15.53 9.82
N LEU A 594 -1.86 15.17 11.06
CA LEU A 594 -0.49 15.33 11.52
C LEU A 594 0.04 14.00 12.03
N THR A 595 1.34 13.99 12.31
CA THR A 595 2.01 12.87 12.96
C THR A 595 3.03 13.45 13.94
N ILE A 596 3.53 12.60 14.82
CA ILE A 596 4.51 13.02 15.80
C ILE A 596 5.88 12.51 15.39
N HIS A 597 6.92 13.03 16.04
CA HIS A 597 8.30 12.64 15.76
C HIS A 597 9.01 12.53 17.12
N PHE A 598 8.79 11.40 17.80
CA PHE A 598 9.32 11.22 19.15
C PHE A 598 10.85 11.09 19.08
N THR A 599 11.46 10.64 20.18
CA THR A 599 12.92 10.69 20.28
C THR A 599 13.46 9.56 21.13
N GLY A 600 14.34 8.76 20.54
CA GLY A 600 15.18 7.81 21.26
C GLY A 600 14.50 6.86 22.22
N HIS A 601 13.20 6.64 22.04
CA HIS A 601 12.44 5.73 22.89
C HIS A 601 11.31 5.13 22.06
N SER A 602 10.53 4.26 22.68
CA SER A 602 9.50 3.53 21.98
C SER A 602 8.24 3.45 22.83
N PHE A 603 7.09 3.31 22.16
CA PHE A 603 5.81 3.27 22.85
C PHE A 603 5.40 1.81 23.05
N ILE A 604 4.11 1.59 23.33
CA ILE A 604 3.51 0.25 23.30
C ILE A 604 2.14 0.43 22.66
N TYR A 605 2.12 0.46 21.31
CA TYR A 605 0.89 0.61 20.54
C TYR A 605 0.45 -0.80 20.15
N GLY A 606 -0.30 -1.44 21.05
CA GLY A 606 -0.64 -2.84 20.82
C GLY A 606 0.56 -3.74 20.87
N LYS A 607 1.48 -3.48 21.80
CA LYS A 607 2.75 -4.19 21.89
C LYS A 607 3.54 -4.07 20.58
N ARG A 608 3.51 -2.87 20.00
CA ARG A 608 4.29 -2.52 18.80
C ARG A 608 5.08 -1.26 19.15
N HIS A 609 6.24 -1.44 19.78
CA HIS A 609 7.09 -0.34 20.19
C HIS A 609 7.55 0.47 18.98
N GLU A 610 6.77 1.48 18.60
CA GLU A 610 7.07 2.29 17.43
C GLU A 610 7.87 3.52 17.84
N ASP A 611 7.85 4.56 17.01
CA ASP A 611 8.53 5.81 17.32
C ASP A 611 7.71 7.04 16.96
N THR A 612 6.52 6.86 16.40
CA THR A 612 5.71 7.98 15.95
C THR A 612 4.25 7.53 15.96
N LEU A 613 3.34 8.48 15.76
CA LEU A 613 1.91 8.20 15.76
C LEU A 613 1.18 9.31 15.03
N THR A 614 0.30 8.92 14.12
CA THR A 614 -0.50 9.83 13.31
C THR A 614 -1.78 10.21 14.07
N LEU A 615 -2.62 11.02 13.42
CA LEU A 615 -3.89 11.42 14.00
C LEU A 615 -4.80 12.05 12.95
N PHE A 616 -6.10 11.81 13.04
CA PHE A 616 -7.09 12.40 12.15
C PHE A 616 -7.83 13.51 12.89
N PRO A 617 -8.52 14.40 12.16
CA PRO A 617 -9.20 15.52 12.81
C PRO A 617 -10.15 15.08 13.93
N MET A 618 -10.06 15.79 15.05
CA MET A 618 -10.95 15.59 16.20
C MET A 618 -10.77 14.20 16.81
N ARG A 619 -9.52 13.85 17.07
CA ARG A 619 -9.20 12.57 17.71
C ARG A 619 -7.77 12.65 18.23
N GLY A 620 -7.46 11.74 19.16
CA GLY A 620 -6.16 11.68 19.78
C GLY A 620 -6.20 10.73 20.97
N GLU A 621 -5.37 9.69 20.96
CA GLU A 621 -5.46 8.64 21.96
C GLU A 621 -4.26 8.68 22.91
N SER A 622 -3.86 7.51 23.38
CA SER A 622 -2.94 7.43 24.51
C SER A 622 -1.49 7.25 24.04
N VAL A 623 -0.60 7.16 25.02
CA VAL A 623 0.82 6.96 24.78
C VAL A 623 1.45 6.34 26.02
N THR A 624 1.93 5.11 25.89
CA THR A 624 2.50 4.36 27.01
C THR A 624 4.01 4.25 26.81
N VAL A 625 4.77 4.57 27.85
CA VAL A 625 6.20 4.62 27.76
C VAL A 625 6.81 3.69 28.79
N THR A 626 7.97 3.10 28.46
CA THR A 626 8.75 2.29 29.41
C THR A 626 10.11 2.95 29.58
N MET A 627 10.15 3.98 30.40
CA MET A 627 11.37 4.73 30.67
C MET A 627 12.30 3.88 31.52
N ASP A 628 13.40 3.43 30.93
CA ASP A 628 14.38 2.58 31.60
C ASP A 628 15.78 2.86 31.09
N ASN A 629 16.21 4.12 31.20
CA ASN A 629 17.53 4.54 30.74
C ASN A 629 17.82 5.93 31.28
N VAL A 630 18.96 6.49 30.87
CA VAL A 630 19.40 7.81 31.29
C VAL A 630 19.77 8.62 30.04
N GLY A 631 19.32 9.86 30.01
CA GLY A 631 19.64 10.76 28.92
C GLY A 631 18.62 11.88 28.83
N THR A 632 18.91 12.85 27.98
CA THR A 632 18.00 13.95 27.66
C THR A 632 17.60 13.89 26.19
N TRP A 633 16.33 14.19 25.92
CA TRP A 633 15.79 14.03 24.58
C TRP A 633 15.00 15.29 24.21
N MET A 634 14.34 15.25 23.05
CA MET A 634 13.54 16.38 22.58
C MET A 634 12.51 15.94 21.55
N LEU A 635 11.23 16.16 21.85
CA LEU A 635 10.12 15.73 21.01
C LEU A 635 9.84 16.74 19.90
N THR A 636 9.74 16.25 18.67
CA THR A 636 9.52 17.09 17.51
C THR A 636 8.35 16.54 16.70
N SER A 637 8.11 17.16 15.54
CA SER A 637 7.06 16.72 14.62
C SER A 637 7.31 17.40 13.29
N MET A 638 7.38 16.62 12.21
CA MET A 638 7.75 17.13 10.90
C MET A 638 6.53 17.46 10.05
N ASN A 639 6.72 18.37 9.12
CA ASN A 639 5.65 18.79 8.22
C ASN A 639 6.26 19.58 7.06
N SER A 640 5.42 19.89 6.09
CA SER A 640 5.84 20.66 4.93
C SER A 640 5.75 22.16 5.24
N SER A 641 6.01 22.97 4.21
CA SER A 641 6.16 24.41 4.40
C SER A 641 4.94 25.10 5.01
N PRO A 642 3.69 24.75 4.66
CA PRO A 642 2.56 25.47 5.27
C PRO A 642 2.41 25.22 6.77
N ARG A 643 3.02 24.17 7.31
CA ARG A 643 2.93 23.90 8.74
C ARG A 643 4.27 23.56 9.39
N SER A 644 5.37 23.66 8.65
CA SER A 644 6.69 23.46 9.28
C SER A 644 6.97 24.57 10.28
N LYS A 645 6.55 25.80 9.94
CA LYS A 645 6.65 26.91 10.88
C LYS A 645 5.71 26.76 12.06
N LYS A 646 4.72 25.88 11.97
CA LYS A 646 3.77 25.63 13.04
C LYS A 646 4.05 24.34 13.80
N LEU A 647 4.64 23.36 13.14
CA LEU A 647 4.94 22.06 13.76
C LEU A 647 6.33 22.09 14.39
N ARG A 648 6.46 22.89 15.44
CA ARG A 648 7.63 22.83 16.32
C ARG A 648 7.14 22.77 17.75
N LEU A 649 7.84 21.98 18.57
CA LEU A 649 7.41 21.78 19.94
C LEU A 649 8.60 21.44 20.82
N LYS A 650 8.57 21.93 22.05
CA LYS A 650 9.64 21.72 23.01
C LYS A 650 9.26 20.59 23.97
N PHE A 651 10.29 20.02 24.60
CA PHE A 651 10.17 18.94 25.57
C PHE A 651 11.54 18.69 26.18
N ARG A 652 11.57 18.60 27.51
CA ARG A 652 12.83 18.50 28.25
C ARG A 652 12.83 17.23 29.08
N ASP A 653 13.93 17.01 29.81
CA ASP A 653 14.14 15.86 30.68
C ASP A 653 15.33 16.20 31.58
N VAL A 654 15.51 15.39 32.63
CA VAL A 654 16.61 15.62 33.57
C VAL A 654 17.95 15.34 32.91
N SER B 1 25.90 3.16 24.88
CA SER B 1 25.26 1.85 24.84
C SER B 1 26.09 0.84 24.07
N ASN B 2 27.21 0.43 24.65
CA ASN B 2 28.04 -0.61 24.06
C ASN B 2 27.43 -1.97 24.40
N ASN B 3 27.26 -2.81 23.38
CA ASN B 3 26.52 -4.05 23.53
C ASN B 3 27.14 -5.25 22.82
N GLY B 4 27.44 -5.13 21.53
CA GLY B 4 27.79 -6.32 20.75
C GLY B 4 29.16 -6.34 20.11
N ASN B 5 29.22 -6.88 18.90
CA ASN B 5 30.46 -7.14 18.20
C ASN B 5 30.91 -5.92 17.40
N ARG B 6 32.18 -5.92 17.03
CA ARG B 6 32.81 -4.83 16.28
C ARG B 6 33.14 -5.32 14.89
N ARG B 7 32.57 -4.67 13.87
CA ARG B 7 32.84 -5.01 12.49
C ARG B 7 32.79 -3.72 11.68
N ASN B 8 33.39 -3.76 10.49
CA ASN B 8 33.43 -2.58 9.64
C ASN B 8 32.09 -2.40 8.94
N TYR B 9 31.67 -1.14 8.84
CA TYR B 9 30.39 -0.80 8.22
C TYR B 9 30.52 0.62 7.68
N TYR B 10 30.91 0.72 6.41
CA TYR B 10 31.30 1.99 5.81
C TYR B 10 30.22 2.50 4.86
N ILE B 11 29.90 3.79 4.97
CA ILE B 11 28.93 4.46 4.11
C ILE B 11 29.59 5.74 3.60
N ALA B 12 29.10 6.22 2.46
CA ALA B 12 29.61 7.48 1.89
C ALA B 12 28.43 8.24 1.29
N ALA B 13 28.73 9.17 0.37
CA ALA B 13 27.68 9.98 -0.26
C ALA B 13 28.25 10.63 -1.52
N GLU B 14 28.05 9.99 -2.67
CA GLU B 14 28.54 10.48 -3.96
C GLU B 14 27.38 11.17 -4.69
N GLU B 15 27.42 12.49 -4.75
CA GLU B 15 26.34 13.26 -5.36
C GLU B 15 26.54 13.32 -6.87
N ILE B 16 25.50 12.97 -7.61
CA ILE B 16 25.53 12.93 -9.06
C ILE B 16 24.44 13.85 -9.61
N SER B 17 24.19 13.70 -10.91
CA SER B 17 23.05 14.32 -11.58
C SER B 17 22.26 13.20 -12.26
N TRP B 18 21.09 12.90 -11.72
CA TRP B 18 20.29 11.77 -12.17
C TRP B 18 19.11 12.26 -13.00
N ASP B 19 19.09 11.87 -14.27
CA ASP B 19 17.94 12.14 -15.13
C ASP B 19 16.75 11.33 -14.66
N TYR B 20 15.71 12.03 -14.17
CA TYR B 20 14.58 11.35 -13.57
C TYR B 20 13.87 10.44 -14.56
N SER B 21 13.29 11.01 -15.62
CA SER B 21 12.52 10.23 -16.57
C SER B 21 13.39 9.24 -17.35
N VAL B 46 21.67 8.71 -2.48
CA VAL B 46 22.66 8.70 -3.54
C VAL B 46 23.87 7.90 -3.10
N PHE B 47 23.81 7.41 -1.86
CA PHE B 47 24.95 6.74 -1.25
C PHE B 47 25.24 5.40 -1.90
N ARG B 48 26.18 4.67 -1.31
CA ARG B 48 26.47 3.29 -1.67
C ARG B 48 26.93 2.59 -0.39
N LYS B 49 27.69 1.51 -0.54
CA LYS B 49 28.18 0.78 0.64
C LYS B 49 29.62 0.34 0.43
N TYR B 50 30.46 0.64 1.41
CA TYR B 50 31.84 0.18 1.46
C TYR B 50 31.99 -0.81 2.61
N LEU B 51 33.03 -1.64 2.53
CA LEU B 51 33.15 -2.81 3.39
C LEU B 51 34.29 -2.75 4.39
N ASP B 52 35.44 -2.17 4.04
CA ASP B 52 36.60 -2.23 4.91
C ASP B 52 36.54 -1.12 5.96
N SER B 53 37.59 -1.06 6.79
CA SER B 53 37.65 -0.06 7.85
C SER B 53 37.72 1.35 7.27
N THR B 54 38.59 1.59 6.31
CA THR B 54 38.68 2.86 5.61
C THR B 54 37.76 2.83 4.40
N PHE B 55 38.08 3.62 3.37
CA PHE B 55 37.26 3.64 2.16
C PHE B 55 37.80 2.68 1.12
N THR B 56 37.56 2.98 -0.16
CA THR B 56 38.00 2.18 -1.30
C THR B 56 37.44 0.76 -1.24
N LYS B 57 36.16 0.61 -1.58
CA LYS B 57 35.53 -0.71 -1.69
C LYS B 57 34.16 -0.51 -2.35
N ARG B 58 34.16 -0.28 -3.66
CA ARG B 58 32.94 0.07 -4.39
C ARG B 58 32.19 -1.20 -4.74
N ASP B 59 30.98 -1.34 -4.22
CA ASP B 59 30.13 -2.48 -4.51
C ASP B 59 28.93 -1.99 -5.33
N PRO B 60 28.88 -2.26 -6.63
CA PRO B 60 27.85 -1.63 -7.47
C PRO B 60 26.47 -2.19 -7.22
N ARG B 61 25.49 -1.29 -7.18
CA ARG B 61 24.09 -1.66 -7.01
C ARG B 61 23.63 -2.41 -8.26
N GLY B 62 23.81 -3.73 -8.26
CA GLY B 62 23.40 -4.55 -9.37
C GLY B 62 21.89 -4.63 -9.53
N GLU B 63 21.45 -5.64 -10.27
CA GLU B 63 20.02 -5.84 -10.50
C GLU B 63 19.28 -6.14 -9.21
N TYR B 64 19.99 -6.62 -8.19
CA TYR B 64 19.38 -6.78 -6.86
C TYR B 64 19.03 -5.44 -6.24
N GLU B 65 19.62 -4.34 -6.71
CA GLU B 65 19.30 -3.02 -6.22
C GLU B 65 19.20 -1.97 -7.33
N GLU B 66 18.96 -2.38 -8.57
CA GLU B 66 18.94 -1.44 -9.70
C GLU B 66 17.62 -0.70 -9.85
N HIS B 67 16.78 -0.66 -8.81
CA HIS B 67 15.60 0.18 -8.80
C HIS B 67 15.57 1.16 -7.63
N LEU B 68 16.54 1.08 -6.72
CA LEU B 68 16.56 1.96 -5.56
C LEU B 68 16.84 3.41 -5.95
N GLY B 69 17.56 3.63 -7.04
CA GLY B 69 17.82 4.96 -7.56
C GLY B 69 18.30 5.98 -6.54
N ILE B 70 17.35 6.78 -6.03
CA ILE B 70 17.69 7.79 -5.02
C ILE B 70 17.97 7.14 -3.67
N LEU B 71 17.34 6.01 -3.38
CA LEU B 71 17.62 5.29 -2.15
C LEU B 71 19.07 4.84 -2.13
N GLY B 72 19.72 5.02 -0.98
CA GLY B 72 21.11 4.64 -0.83
C GLY B 72 21.26 3.15 -0.59
N PRO B 73 22.12 2.77 0.34
CA PRO B 73 22.21 1.36 0.73
C PRO B 73 21.11 1.00 1.71
N ILE B 74 21.14 -0.24 2.20
CA ILE B 74 20.19 -0.70 3.22
C ILE B 74 21.02 -1.05 4.44
N ILE B 75 21.02 -0.16 5.44
CA ILE B 75 21.74 -0.46 6.67
C ILE B 75 21.05 -1.59 7.39
N ARG B 76 21.82 -2.57 7.82
CA ARG B 76 21.29 -3.83 8.35
C ARG B 76 21.98 -4.16 9.65
N ALA B 77 21.21 -4.20 10.73
CA ALA B 77 21.68 -4.70 12.01
C ALA B 77 20.61 -5.62 12.56
N GLU B 78 20.87 -6.17 13.74
CA GLU B 78 19.93 -7.07 14.39
C GLU B 78 19.67 -6.55 15.80
N VAL B 79 19.30 -7.45 16.70
CA VAL B 79 18.91 -7.02 18.04
C VAL B 79 20.13 -6.59 18.83
N ASP B 80 20.27 -5.28 19.03
CA ASP B 80 21.25 -4.68 19.94
C ASP B 80 22.68 -5.00 19.50
N ASP B 81 22.93 -4.83 18.20
CA ASP B 81 24.26 -4.97 17.63
C ASP B 81 24.76 -3.60 17.19
N VAL B 82 26.09 -3.44 17.21
CA VAL B 82 26.67 -2.15 16.88
C VAL B 82 26.40 -1.80 15.41
N ILE B 83 26.18 -0.51 15.15
CA ILE B 83 25.96 0.00 13.80
C ILE B 83 26.99 1.10 13.55
N GLN B 84 28.12 0.73 12.97
CA GLN B 84 29.11 1.72 12.57
C GLN B 84 28.60 2.46 11.34
N VAL B 85 28.60 3.79 11.40
CA VAL B 85 28.15 4.63 10.28
C VAL B 85 29.17 5.76 10.13
N ARG B 86 30.24 5.50 9.40
CA ARG B 86 31.13 6.56 8.94
C ARG B 86 30.51 7.16 7.68
N PHE B 87 30.44 8.48 7.63
CA PHE B 87 29.87 9.18 6.50
C PHE B 87 30.51 10.55 6.38
N LYS B 88 30.34 11.17 5.21
CA LYS B 88 30.95 12.47 4.94
C LYS B 88 30.06 13.21 3.93
N ASN B 89 30.68 14.11 3.17
CA ASN B 89 29.98 14.92 2.18
C ASN B 89 30.86 15.07 0.95
N LEU B 90 30.21 15.21 -0.21
CA LEU B 90 30.94 15.37 -1.45
C LEU B 90 30.35 16.47 -2.32
N ALA B 91 29.64 17.42 -1.74
CA ALA B 91 29.07 18.53 -2.50
C ALA B 91 28.94 19.73 -1.56
N SER B 92 27.89 20.51 -1.74
CA SER B 92 27.71 21.75 -1.00
C SER B 92 26.53 21.68 -0.03
N ARG B 93 26.60 20.74 0.92
CA ARG B 93 25.59 20.59 1.95
C ARG B 93 26.06 19.66 3.05
N PRO B 94 26.21 20.17 4.28
CA PRO B 94 26.49 19.28 5.42
C PRO B 94 25.33 18.31 5.65
N TYR B 95 25.68 17.09 6.05
CA TYR B 95 24.68 16.05 6.30
C TYR B 95 24.64 15.73 7.79
N SER B 96 23.79 14.78 8.14
CA SER B 96 23.64 14.24 9.49
C SER B 96 22.85 12.94 9.35
N LEU B 97 22.10 12.58 10.40
CA LEU B 97 21.23 11.41 10.36
C LEU B 97 20.39 11.31 11.62
N HIS B 98 19.09 11.08 11.45
CA HIS B 98 18.18 10.95 12.58
C HIS B 98 18.08 9.48 12.99
N ALA B 99 17.45 9.23 14.13
CA ALA B 99 17.34 7.87 14.66
C ALA B 99 15.95 7.68 15.24
N HIS B 100 15.34 6.54 14.92
CA HIS B 100 14.00 6.21 15.38
C HIS B 100 14.04 4.89 16.12
N GLY B 101 13.65 4.93 17.40
CA GLY B 101 13.57 3.72 18.22
C GLY B 101 14.89 3.01 18.40
N LEU B 102 15.99 3.74 18.28
CA LEU B 102 17.32 3.17 18.42
C LEU B 102 17.94 3.59 19.75
N SER B 103 18.93 2.81 20.19
CA SER B 103 19.67 3.08 21.42
C SER B 103 21.07 3.57 21.09
N TYR B 104 21.45 4.68 21.71
CA TYR B 104 22.72 5.34 21.42
C TYR B 104 22.94 6.38 22.51
N GLU B 105 24.08 7.04 22.46
CA GLU B 105 24.42 8.03 23.48
C GLU B 105 23.71 9.34 23.16
N LYS B 106 24.09 10.41 23.88
CA LYS B 106 23.42 11.70 23.73
C LYS B 106 23.69 12.34 22.37
N SER B 107 24.94 12.74 22.10
CA SER B 107 25.29 13.44 20.86
C SER B 107 25.33 12.43 19.71
N SER B 108 24.17 12.22 19.10
CA SER B 108 24.02 11.39 17.91
C SER B 108 22.70 11.67 17.22
N GLU B 109 22.37 12.96 17.06
CA GLU B 109 21.15 13.37 16.39
C GLU B 109 21.43 14.28 15.20
N GLY B 110 21.84 15.53 15.43
CA GLY B 110 22.15 16.45 14.35
C GLY B 110 21.13 17.52 14.07
N LYS B 111 20.88 18.41 15.03
CA LYS B 111 19.90 19.48 14.86
C LYS B 111 20.20 20.61 15.84
N THR B 112 20.29 21.83 15.32
CA THR B 112 20.58 23.01 16.14
C THR B 112 19.32 23.42 16.89
N TYR B 113 19.35 23.33 18.21
CA TYR B 113 18.26 23.83 19.04
C TYR B 113 18.84 24.27 20.38
N GLU B 114 17.98 24.38 21.39
CA GLU B 114 18.42 24.82 22.71
C GLU B 114 19.29 23.75 23.36
N ASP B 115 20.32 24.20 24.09
CA ASP B 115 21.19 23.30 24.84
C ASP B 115 21.27 23.80 26.28
N ASP B 116 20.50 23.17 27.16
CA ASP B 116 20.60 23.46 28.59
C ASP B 116 21.96 23.11 29.15
N SER B 117 22.67 22.18 28.52
CA SER B 117 24.07 21.90 28.79
C SER B 117 24.94 22.78 27.91
N PRO B 118 26.25 22.88 28.18
CA PRO B 118 27.12 23.72 27.35
C PRO B 118 27.20 23.31 25.88
N GLU B 119 28.00 24.04 25.11
CA GLU B 119 28.19 23.76 23.68
C GLU B 119 29.33 22.78 23.43
N TRP B 120 29.35 21.64 24.14
CA TRP B 120 30.42 20.66 23.97
C TRP B 120 30.07 19.62 22.92
N PHE B 121 28.87 19.05 22.99
CA PHE B 121 28.44 17.94 22.16
C PHE B 121 28.01 18.37 20.75
N LYS B 122 28.50 19.49 20.24
CA LYS B 122 28.03 20.03 18.96
C LYS B 122 28.98 19.68 17.82
N GLU B 123 29.28 18.40 17.64
CA GLU B 123 30.11 17.93 16.54
C GLU B 123 29.41 16.80 15.77
N ASP B 124 28.08 16.80 15.84
CA ASP B 124 27.26 15.92 15.02
C ASP B 124 26.17 16.68 14.29
N ASN B 125 26.19 18.01 14.33
CA ASN B 125 25.16 18.85 13.75
C ASN B 125 25.56 19.47 12.42
N ALA B 126 26.82 19.88 12.26
CA ALA B 126 27.32 20.44 11.01
C ALA B 126 28.51 19.59 10.59
N VAL B 127 28.24 18.59 9.74
CA VAL B 127 29.26 17.66 9.29
C VAL B 127 29.97 18.25 8.08
N GLN B 128 31.26 18.34 8.17
CA GLN B 128 32.04 18.84 7.05
C GLN B 128 32.53 17.67 6.19
N PRO B 129 32.74 17.91 4.90
CA PRO B 129 33.14 16.82 4.00
C PRO B 129 34.45 16.16 4.41
N ASN B 130 34.56 14.88 4.06
CA ASN B 130 35.76 14.07 4.28
C ASN B 130 36.14 14.03 5.77
N SER B 131 35.31 13.33 6.54
CA SER B 131 35.53 13.16 7.98
C SER B 131 35.07 11.76 8.38
N SER B 132 35.98 10.95 8.88
CA SER B 132 35.68 9.60 9.33
C SER B 132 35.41 9.61 10.83
N TYR B 133 34.30 8.99 11.22
CA TYR B 133 33.90 8.89 12.63
C TYR B 133 33.97 7.43 13.08
N THR B 134 33.15 7.11 14.07
CA THR B 134 32.99 5.74 14.56
C THR B 134 31.72 5.71 15.42
N TYR B 135 30.57 5.69 14.76
CA TYR B 135 29.29 5.73 15.47
C TYR B 135 29.04 4.44 16.24
N VAL B 136 27.97 4.47 17.03
CA VAL B 136 27.58 3.33 17.86
C VAL B 136 26.07 3.37 18.06
N TRP B 137 25.34 2.79 17.12
CA TRP B 137 23.89 2.69 17.19
C TRP B 137 23.51 1.27 17.58
N HIS B 138 22.34 1.14 18.21
CA HIS B 138 21.85 -0.15 18.63
C HIS B 138 20.33 -0.14 18.57
N ALA B 139 19.76 -1.33 18.74
CA ALA B 139 18.32 -1.53 18.80
C ALA B 139 18.03 -2.34 20.06
N THR B 140 17.60 -1.64 21.12
CA THR B 140 17.30 -2.28 22.39
C THR B 140 16.30 -3.43 22.19
N GLU B 141 16.48 -4.50 22.96
CA GLU B 141 15.60 -5.66 22.88
C GLU B 141 14.13 -5.25 22.93
N ARG B 142 13.79 -4.33 23.85
CA ARG B 142 12.42 -3.85 23.93
C ARG B 142 12.10 -2.81 22.88
N SER B 143 13.11 -2.23 22.23
CA SER B 143 12.92 -1.28 21.15
C SER B 143 13.11 -1.89 19.77
N GLY B 144 13.79 -3.03 19.69
CA GLY B 144 13.92 -3.75 18.45
C GLY B 144 12.73 -4.67 18.24
N PRO B 145 12.95 -5.98 18.35
CA PRO B 145 11.83 -6.92 18.25
C PRO B 145 11.16 -7.16 19.59
N GLU B 146 9.91 -6.73 19.73
CA GLU B 146 9.13 -6.92 20.93
C GLU B 146 7.75 -7.42 20.52
N SER B 147 7.20 -8.36 21.31
CA SER B 147 6.02 -9.13 20.92
C SER B 147 6.28 -9.72 19.55
N PRO B 148 6.93 -10.88 19.47
CA PRO B 148 7.54 -11.32 18.19
C PRO B 148 6.56 -11.56 17.04
N GLY B 149 5.37 -10.96 17.10
CA GLY B 149 4.50 -10.94 15.93
C GLY B 149 5.04 -10.04 14.83
N SER B 150 5.86 -9.06 15.19
CA SER B 150 6.55 -8.20 14.23
C SER B 150 7.96 -8.75 14.04
N ALA B 151 8.14 -9.51 12.95
CA ALA B 151 9.41 -10.18 12.70
C ALA B 151 10.50 -9.20 12.27
N CYS B 152 10.42 -8.74 11.03
CA CYS B 152 11.39 -7.79 10.46
C CYS B 152 10.63 -6.50 10.17
N ARG B 153 10.62 -5.58 11.12
CA ARG B 153 10.02 -4.27 10.93
C ARG B 153 11.04 -3.30 10.35
N ALA B 154 10.54 -2.28 9.65
CA ALA B 154 11.39 -1.36 8.92
C ALA B 154 11.61 -0.10 9.76
N TRP B 155 12.88 0.22 10.03
CA TRP B 155 13.25 1.53 10.54
C TRP B 155 13.81 2.35 9.37
N ALA B 156 14.56 3.40 9.67
CA ALA B 156 15.15 4.24 8.62
C ALA B 156 16.20 5.14 9.23
N TYR B 157 17.06 5.67 8.37
CA TYR B 157 17.95 6.77 8.72
C TYR B 157 17.75 7.88 7.72
N TYR B 158 18.01 9.11 8.16
CA TYR B 158 17.81 10.29 7.33
C TYR B 158 18.39 11.50 8.03
N SER B 159 19.12 12.32 7.27
CA SER B 159 19.68 13.56 7.81
C SER B 159 18.56 14.54 8.10
N ALA B 160 18.31 14.82 9.38
CA ALA B 160 17.17 15.63 9.79
C ALA B 160 17.51 17.12 9.87
N VAL B 161 18.52 17.58 9.12
CA VAL B 161 18.78 19.01 9.05
C VAL B 161 17.57 19.74 8.51
N ASN B 162 17.01 19.25 7.42
CA ASN B 162 15.80 19.78 6.81
C ASN B 162 15.06 18.67 6.11
N PRO B 163 14.22 17.89 6.83
CA PRO B 163 13.52 16.75 6.20
C PRO B 163 12.72 17.15 4.96
N GLU B 164 12.54 18.45 4.79
CA GLU B 164 11.97 19.00 3.57
C GLU B 164 13.00 19.30 2.50
N LYS B 165 14.30 19.18 2.81
CA LYS B 165 15.34 19.52 1.84
C LYS B 165 16.43 18.47 1.65
N ASP B 166 16.26 17.27 2.20
CA ASP B 166 17.27 16.23 2.00
C ASP B 166 16.64 14.84 1.98
N ILE B 167 15.53 14.68 2.69
CA ILE B 167 14.67 13.52 2.46
C ILE B 167 13.78 13.74 1.24
N HIS B 168 13.30 14.98 1.05
CA HIS B 168 12.67 15.34 -0.22
C HIS B 168 13.67 15.29 -1.36
N SER B 169 14.97 15.22 -1.06
CA SER B 169 15.99 14.98 -2.07
C SER B 169 16.32 13.51 -2.21
N GLY B 170 16.22 12.73 -1.13
CA GLY B 170 16.41 11.30 -1.20
C GLY B 170 17.72 10.78 -0.64
N LEU B 171 18.44 11.58 0.13
CA LEU B 171 19.54 11.05 0.94
C LEU B 171 18.93 10.17 2.03
N ILE B 172 18.61 8.92 1.68
CA ILE B 172 17.69 8.14 2.49
C ILE B 172 18.16 6.69 2.60
N GLY B 173 17.56 5.94 3.52
CA GLY B 173 17.87 4.54 3.69
C GLY B 173 17.09 3.93 4.84
N PRO B 174 16.77 2.66 4.71
CA PRO B 174 16.06 1.96 5.79
C PRO B 174 17.05 1.33 6.76
N LEU B 175 16.48 0.67 7.78
CA LEU B 175 17.25 -0.08 8.77
C LEU B 175 16.39 -1.28 9.16
N LEU B 176 16.49 -2.35 8.36
CA LEU B 176 15.67 -3.53 8.59
C LEU B 176 16.19 -4.31 9.79
N ILE B 177 15.34 -4.49 10.80
CA ILE B 177 15.72 -5.12 12.06
C ILE B 177 14.92 -6.41 12.23
N CYS B 178 15.64 -7.53 12.39
CA CYS B 178 15.00 -8.83 12.54
C CYS B 178 15.40 -9.41 13.90
N GLN B 179 15.62 -10.72 13.95
CA GLN B 179 15.96 -11.43 15.18
C GLN B 179 17.43 -11.26 15.53
N LYS B 180 17.91 -12.03 16.51
CA LYS B 180 19.30 -11.94 16.98
C LYS B 180 19.98 -13.27 16.73
N GLY B 181 20.54 -13.43 15.53
CA GLY B 181 21.35 -14.60 15.24
C GLY B 181 21.16 -15.25 13.89
N ILE B 182 20.00 -15.84 13.64
CA ILE B 182 19.82 -16.76 12.51
C ILE B 182 19.74 -15.92 11.23
N LEU B 183 20.91 -15.59 10.68
CA LEU B 183 21.01 -14.98 9.35
C LEU B 183 22.48 -14.99 8.94
N HIS B 184 22.82 -15.71 7.87
CA HIS B 184 24.23 -15.95 7.54
C HIS B 184 25.00 -14.65 7.37
N LYS B 185 26.12 -14.54 8.09
CA LYS B 185 26.96 -13.36 8.13
C LYS B 185 28.12 -13.53 7.16
N ASP B 186 28.55 -12.41 6.55
CA ASP B 186 27.93 -11.11 6.76
C ASP B 186 27.13 -10.69 5.54
N SER B 187 26.35 -11.63 5.01
CA SER B 187 25.51 -11.32 3.85
C SER B 187 24.38 -10.39 4.21
N ASN B 188 23.97 -10.38 5.49
CA ASN B 188 22.90 -9.55 6.05
C ASN B 188 21.71 -9.37 5.11
N MET B 189 21.52 -10.28 4.17
CA MET B 189 20.38 -10.21 3.29
C MET B 189 19.27 -11.10 3.81
N PRO B 190 18.01 -10.73 3.58
CA PRO B 190 16.91 -11.56 4.07
C PRO B 190 16.84 -12.89 3.35
N MET B 191 16.98 -13.99 4.08
CA MET B 191 16.93 -15.32 3.50
C MET B 191 15.52 -15.87 3.58
N ASP B 192 15.13 -16.63 2.56
CA ASP B 192 13.80 -17.21 2.41
C ASP B 192 12.71 -16.15 2.28
N MET B 193 13.09 -14.93 1.88
CA MET B 193 12.15 -13.82 1.81
C MET B 193 12.80 -12.68 1.02
N ARG B 194 11.96 -11.93 0.30
CA ARG B 194 12.42 -10.81 -0.51
C ARG B 194 12.29 -9.52 0.30
N GLU B 195 12.69 -8.39 -0.29
CA GLU B 195 12.64 -7.13 0.43
C GLU B 195 12.41 -5.94 -0.50
N PHE B 196 11.47 -5.06 -0.14
CA PHE B 196 11.18 -3.85 -0.88
C PHE B 196 11.26 -2.64 0.05
N VAL B 197 11.96 -1.61 -0.42
CA VAL B 197 12.04 -0.35 0.31
C VAL B 197 11.53 0.76 -0.59
N LEU B 198 10.21 0.94 -0.62
CA LEU B 198 9.54 1.86 -1.53
C LEU B 198 8.95 3.01 -0.72
N LEU B 199 9.70 4.09 -0.57
CA LEU B 199 9.13 5.30 0.00
C LEU B 199 8.31 6.01 -1.07
N PHE B 200 6.98 5.91 -0.98
CA PHE B 200 6.07 6.44 -2.00
C PHE B 200 5.91 7.94 -1.76
N MET B 201 6.90 8.69 -2.23
CA MET B 201 6.97 10.12 -1.99
C MET B 201 6.65 10.89 -3.27
N THR B 202 6.05 12.07 -3.09
CA THR B 202 5.71 12.94 -4.20
C THR B 202 6.89 13.83 -4.60
N PHE B 203 7.95 13.16 -5.06
CA PHE B 203 9.16 13.84 -5.52
C PHE B 203 8.83 14.85 -6.60
N ASP B 204 8.63 16.11 -6.21
CA ASP B 204 8.19 17.14 -7.13
C ASP B 204 9.38 17.81 -7.82
N GLU B 205 9.11 18.41 -8.98
CA GLU B 205 10.15 19.07 -9.76
C GLU B 205 10.63 20.36 -9.11
N LYS B 206 9.75 21.03 -8.36
CA LYS B 206 10.11 22.32 -7.79
C LYS B 206 11.17 22.20 -6.70
N LYS B 207 11.25 21.03 -6.05
CA LYS B 207 12.14 20.84 -4.89
C LYS B 207 12.99 19.59 -5.11
N SER B 208 14.08 19.76 -5.85
CA SER B 208 15.17 18.80 -5.91
C SER B 208 16.47 19.57 -5.67
N TRP B 209 17.48 18.87 -5.19
CA TRP B 209 18.65 19.59 -4.68
C TRP B 209 19.95 19.17 -5.35
N TYR B 210 20.35 17.91 -5.23
CA TYR B 210 21.64 17.51 -5.77
C TYR B 210 21.65 17.43 -7.29
N TYR B 211 20.57 16.96 -7.91
CA TYR B 211 20.49 16.93 -9.37
C TYR B 211 19.96 18.23 -9.97
N GLU B 212 19.02 18.89 -9.31
CA GLU B 212 18.47 20.17 -9.76
C GLU B 212 19.45 21.30 -9.47
N LYS B 213 19.29 22.41 -10.18
CA LYS B 213 20.18 23.56 -10.08
C LYS B 213 19.56 24.78 -9.40
N LYS B 214 18.28 25.04 -9.61
CA LYS B 214 17.64 26.25 -9.09
C LYS B 214 17.60 26.25 -7.57
N SER B 215 16.78 25.38 -6.99
CA SER B 215 16.65 25.30 -5.53
C SER B 215 17.57 24.20 -4.97
N ARG B 216 18.87 24.41 -5.15
CA ARG B 216 19.87 23.45 -4.67
C ARG B 216 20.06 23.52 -3.16
N SER B 217 19.83 24.68 -2.55
CA SER B 217 20.01 24.84 -1.11
C SER B 217 19.12 25.94 -0.55
N GLU B 231 2.39 15.61 -8.50
CA GLU B 231 2.24 15.32 -9.92
C GLU B 231 3.20 14.23 -10.38
N PHE B 232 4.22 13.96 -9.57
CA PHE B 232 5.18 12.88 -9.82
C PHE B 232 5.19 12.00 -8.56
N HIS B 233 4.45 10.91 -8.61
CA HIS B 233 4.31 10.01 -7.47
C HIS B 233 4.94 8.67 -7.84
N ALA B 234 6.19 8.48 -7.44
CA ALA B 234 6.94 7.29 -7.83
C ALA B 234 8.03 7.03 -6.79
N ILE B 235 8.42 5.77 -6.67
CA ILE B 235 9.58 5.45 -5.87
C ILE B 235 10.82 5.98 -6.58
N ASN B 236 11.63 6.73 -5.83
CA ASN B 236 12.85 7.33 -6.35
C ASN B 236 12.59 8.32 -7.49
N GLY B 237 11.36 8.79 -7.61
CA GLY B 237 11.01 9.82 -8.57
C GLY B 237 11.26 9.43 -10.01
N MET B 238 10.73 8.28 -10.43
CA MET B 238 10.80 7.85 -11.83
C MET B 238 9.39 7.51 -12.29
N ILE B 239 8.76 8.45 -12.99
CA ILE B 239 7.36 8.30 -13.37
C ILE B 239 7.26 7.45 -14.64
N TYR B 240 6.06 6.91 -14.86
CA TYR B 240 5.73 6.14 -16.05
C TYR B 240 6.61 4.91 -16.26
N SER B 241 7.72 4.80 -15.53
CA SER B 241 8.68 3.71 -15.75
C SER B 241 9.09 3.15 -14.39
N LEU B 242 10.31 2.58 -14.33
CA LEU B 242 10.96 1.85 -13.24
C LEU B 242 10.52 0.39 -13.19
N PRO B 243 10.79 -0.41 -14.25
CA PRO B 243 10.53 -1.85 -14.14
C PRO B 243 11.63 -2.54 -13.33
N GLY B 244 11.78 -3.84 -13.51
CA GLY B 244 12.83 -4.56 -12.81
C GLY B 244 12.53 -4.87 -11.36
N LEU B 245 11.27 -4.89 -10.95
CA LEU B 245 10.93 -5.27 -9.59
C LEU B 245 11.14 -6.76 -9.41
N LYS B 246 11.57 -7.16 -8.22
CA LYS B 246 11.92 -8.54 -7.95
C LYS B 246 10.72 -9.31 -7.42
N MET B 247 10.76 -10.63 -7.59
CA MET B 247 9.70 -11.52 -7.15
C MET B 247 10.16 -12.97 -7.29
N TYR B 248 9.48 -13.86 -6.57
CA TYR B 248 9.63 -15.29 -6.76
C TYR B 248 8.35 -16.00 -6.33
N GLU B 249 7.96 -16.98 -7.12
CA GLU B 249 6.70 -17.70 -6.95
C GLU B 249 6.62 -18.39 -5.60
N GLN B 250 5.37 -18.66 -5.17
CA GLN B 250 5.00 -19.29 -3.90
C GLN B 250 5.83 -18.80 -2.72
N GLU B 251 6.05 -17.49 -2.65
CA GLU B 251 6.71 -16.87 -1.50
C GLU B 251 5.93 -15.61 -1.14
N TRP B 252 6.42 -14.91 -0.12
CA TRP B 252 5.84 -13.65 0.30
C TRP B 252 6.89 -12.57 0.10
N VAL B 253 6.72 -11.45 0.80
CA VAL B 253 7.67 -10.35 0.73
C VAL B 253 7.84 -9.73 2.11
N ARG B 254 8.72 -8.73 2.18
CA ARG B 254 8.80 -7.85 3.35
C ARG B 254 8.62 -6.42 2.88
N LEU B 255 7.45 -6.13 2.33
CA LEU B 255 7.16 -4.84 1.73
C LEU B 255 7.14 -3.73 2.78
N HIS B 256 7.56 -2.55 2.37
CA HIS B 256 7.64 -1.40 3.28
C HIS B 256 7.17 -0.16 2.55
N LEU B 257 6.05 0.41 2.99
CA LEU B 257 5.57 1.70 2.48
C LEU B 257 5.95 2.82 3.47
N LEU B 258 7.21 2.80 3.88
CA LEU B 258 7.71 3.74 4.89
C LEU B 258 7.77 5.14 4.27
N ASN B 259 6.65 5.84 4.34
CA ASN B 259 6.57 7.21 3.84
C ASN B 259 6.81 8.16 4.99
N ILE B 260 7.94 8.87 4.96
CA ILE B 260 8.35 9.74 6.05
C ILE B 260 8.68 11.15 5.58
N GLY B 261 8.61 11.42 4.29
CA GLY B 261 8.93 12.74 3.80
C GLY B 261 7.79 13.73 4.00
N GLY B 262 7.66 14.69 3.09
CA GLY B 262 6.64 15.71 3.19
C GLY B 262 5.23 15.21 3.46
N SER B 263 4.75 15.39 4.69
CA SER B 263 3.50 14.85 5.23
C SER B 263 2.23 15.30 4.49
N GLN B 264 2.27 15.84 3.27
CA GLN B 264 1.05 16.19 2.57
C GLN B 264 0.53 15.04 1.72
N ASP B 265 1.29 13.94 1.63
CA ASP B 265 0.94 12.81 0.78
C ASP B 265 0.23 11.76 1.63
N ILE B 266 -0.93 12.16 2.15
CA ILE B 266 -1.85 11.24 2.82
C ILE B 266 -2.41 10.33 1.74
N HIS B 267 -1.55 9.54 1.12
CA HIS B 267 -1.85 8.86 -0.12
C HIS B 267 -2.88 7.75 0.10
N VAL B 268 -3.22 7.07 -0.99
CA VAL B 268 -4.12 5.92 -0.98
C VAL B 268 -3.56 4.94 -1.99
N VAL B 269 -3.00 3.83 -1.52
CA VAL B 269 -2.24 2.96 -2.41
C VAL B 269 -3.16 2.15 -3.30
N HIS B 270 -2.81 2.07 -4.59
CA HIS B 270 -3.47 1.17 -5.52
C HIS B 270 -2.50 0.04 -5.86
N PHE B 271 -2.99 -1.19 -5.88
CA PHE B 271 -2.12 -2.35 -6.08
C PHE B 271 -2.96 -3.46 -6.71
N HIS B 272 -2.56 -3.91 -7.89
CA HIS B 272 -3.20 -5.05 -8.52
C HIS B 272 -2.43 -6.32 -8.13
N GLY B 273 -2.38 -7.31 -9.02
CA GLY B 273 -1.62 -8.53 -8.79
C GLY B 273 -1.99 -9.28 -7.53
N GLN B 274 -1.17 -9.16 -6.49
CA GLN B 274 -1.43 -9.79 -5.20
C GLN B 274 -1.52 -8.71 -4.13
N THR B 275 -2.44 -8.91 -3.20
CA THR B 275 -2.84 -7.86 -2.28
C THR B 275 -1.96 -7.83 -1.03
N LEU B 276 -1.86 -6.66 -0.44
CA LEU B 276 -1.05 -6.41 0.75
C LEU B 276 -1.97 -6.31 1.96
N LEU B 277 -1.78 -7.21 2.92
CA LEU B 277 -2.56 -7.23 4.16
C LEU B 277 -1.62 -7.04 5.34
N GLU B 278 -2.08 -6.32 6.36
CA GLU B 278 -1.20 -5.90 7.44
C GLU B 278 -1.03 -7.01 8.49
N ASN B 279 0.20 -7.13 8.99
CA ASN B 279 0.53 -8.04 10.09
C ASN B 279 0.95 -7.19 11.28
N GLY B 280 1.66 -7.81 12.23
CA GLY B 280 1.91 -7.16 13.50
C GLY B 280 0.62 -7.05 14.27
N ASN B 281 -0.12 -5.97 14.05
CA ASN B 281 -1.54 -5.89 14.39
C ASN B 281 -2.26 -6.86 13.47
N LYS B 282 -2.35 -8.11 13.92
CA LYS B 282 -2.76 -9.24 13.09
C LYS B 282 -4.23 -9.19 12.70
N GLN B 283 -4.87 -8.03 12.84
CA GLN B 283 -6.28 -7.92 12.52
C GLN B 283 -6.52 -6.83 11.48
N HIS B 284 -5.72 -6.83 10.41
CA HIS B 284 -5.90 -5.92 9.28
C HIS B 284 -5.55 -6.69 8.02
N GLN B 285 -6.37 -7.69 7.70
CA GLN B 285 -6.26 -8.45 6.46
C GLN B 285 -7.13 -7.88 5.35
N LEU B 286 -7.23 -6.56 5.27
CA LEU B 286 -8.08 -5.91 4.27
C LEU B 286 -7.48 -6.12 2.88
N GLY B 287 -6.56 -5.26 2.48
CA GLY B 287 -5.87 -5.46 1.22
C GLY B 287 -5.37 -4.19 0.56
N VAL B 288 -6.15 -3.12 0.63
CA VAL B 288 -5.77 -1.81 0.14
C VAL B 288 -5.79 -0.84 1.32
N TRP B 289 -4.76 -0.01 1.43
CA TRP B 289 -4.53 0.78 2.61
C TRP B 289 -4.12 2.20 2.24
N PRO B 290 -4.79 3.21 2.79
CA PRO B 290 -4.41 4.59 2.50
C PRO B 290 -3.08 4.93 3.17
N LEU B 291 -2.09 5.25 2.36
CA LEU B 291 -0.73 5.48 2.84
C LEU B 291 -0.65 6.82 3.55
N LEU B 292 -0.49 6.78 4.88
CA LEU B 292 -0.36 7.97 5.70
C LEU B 292 1.11 8.23 6.01
N PRO B 293 1.55 9.48 5.98
CA PRO B 293 2.98 9.77 6.09
C PRO B 293 3.47 9.61 7.52
N GLY B 294 4.79 9.41 7.64
CA GLY B 294 5.40 9.25 8.94
C GLY B 294 5.31 7.83 9.44
N SER B 295 4.18 7.19 9.15
CA SER B 295 3.95 5.81 9.58
C SER B 295 4.68 4.84 8.63
N PHE B 296 4.50 3.56 8.91
CA PHE B 296 5.09 2.48 8.15
C PHE B 296 4.45 1.18 8.59
N LYS B 297 4.54 0.17 7.72
CA LYS B 297 3.97 -1.14 8.01
C LYS B 297 4.61 -2.17 7.10
N THR B 298 4.85 -3.36 7.63
CA THR B 298 5.55 -4.41 6.89
C THR B 298 4.50 -5.34 6.29
N LEU B 299 4.16 -5.07 5.03
CA LEU B 299 3.10 -5.79 4.35
C LEU B 299 3.64 -7.09 3.75
N GLU B 300 2.73 -8.04 3.56
CA GLU B 300 3.02 -9.26 2.83
C GLU B 300 1.92 -9.51 1.82
N MET B 301 2.28 -10.14 0.70
CA MET B 301 1.40 -10.18 -0.47
C MET B 301 1.18 -11.56 -1.07
N LYS B 302 2.12 -12.50 -0.94
CA LYS B 302 1.96 -13.87 -1.43
C LYS B 302 1.75 -13.90 -2.95
N ALA B 303 2.84 -13.61 -3.66
CA ALA B 303 2.84 -13.69 -5.12
C ALA B 303 2.40 -15.08 -5.58
N SER B 304 1.34 -15.15 -6.40
CA SER B 304 0.78 -16.44 -6.76
C SER B 304 -0.07 -16.35 -8.02
N LYS B 305 0.27 -15.47 -8.95
CA LYS B 305 -0.45 -15.41 -10.21
C LYS B 305 0.51 -14.91 -11.28
N PRO B 306 0.86 -15.74 -12.26
CA PRO B 306 1.84 -15.35 -13.27
C PRO B 306 1.38 -14.19 -14.13
N GLY B 307 2.32 -13.31 -14.45
CA GLY B 307 2.13 -12.31 -15.47
C GLY B 307 2.52 -10.93 -15.02
N TRP B 308 2.33 -9.97 -15.93
CA TRP B 308 2.57 -8.56 -15.68
C TRP B 308 1.30 -7.90 -15.15
N TRP B 309 1.46 -7.11 -14.10
CA TRP B 309 0.36 -6.37 -13.50
C TRP B 309 0.77 -4.92 -13.35
N LEU B 310 -0.22 -4.05 -13.12
CA LEU B 310 0.06 -2.62 -13.10
C LEU B 310 0.11 -2.08 -11.67
N LEU B 311 0.54 -0.82 -11.55
CA LEU B 311 0.46 -0.04 -10.32
C LEU B 311 -0.36 1.21 -10.62
N ASN B 312 -0.63 2.00 -9.58
CA ASN B 312 -1.37 3.26 -9.73
C ASN B 312 -1.27 4.02 -8.41
N THR B 313 -1.73 5.27 -8.44
CA THR B 313 -1.92 6.07 -7.24
C THR B 313 -3.37 6.55 -7.24
N GLU B 314 -4.13 6.14 -6.23
CA GLU B 314 -5.58 6.31 -6.28
C GLU B 314 -6.04 7.73 -6.00
N VAL B 315 -5.12 8.67 -5.76
CA VAL B 315 -5.52 10.07 -5.69
C VAL B 315 -6.03 10.51 -7.06
N GLY B 316 -7.17 11.21 -7.06
CA GLY B 316 -7.89 11.53 -8.29
C GLY B 316 -7.06 11.99 -9.47
N GLU B 317 -6.59 13.23 -9.44
CA GLU B 317 -5.79 13.76 -10.52
C GLU B 317 -4.32 13.41 -10.41
N ASN B 318 -3.87 12.90 -9.26
CA ASN B 318 -2.50 12.40 -9.13
C ASN B 318 -2.34 11.00 -9.68
N GLN B 319 -3.43 10.38 -10.16
CA GLN B 319 -3.33 9.11 -10.86
C GLN B 319 -2.67 9.25 -12.22
N ARG B 320 -2.51 10.49 -12.72
CA ARG B 320 -1.79 10.72 -13.96
C ARG B 320 -0.34 10.25 -13.88
N ALA B 321 0.19 10.06 -12.66
CA ALA B 321 1.46 9.38 -12.51
C ALA B 321 1.38 7.99 -13.12
N GLY B 322 0.47 7.15 -12.62
CA GLY B 322 0.15 5.86 -13.18
C GLY B 322 1.35 4.97 -13.47
N MET B 323 1.78 4.19 -12.49
CA MET B 323 2.96 3.36 -12.65
C MET B 323 2.60 2.05 -13.34
N GLN B 324 3.12 1.84 -14.55
CA GLN B 324 2.93 0.57 -15.24
C GLN B 324 4.15 -0.33 -14.98
N THR B 325 4.41 -0.53 -13.71
CA THR B 325 5.59 -1.25 -13.24
C THR B 325 5.18 -2.61 -12.68
N PRO B 326 5.59 -3.70 -13.32
CA PRO B 326 5.27 -5.04 -12.80
C PRO B 326 6.46 -5.74 -12.20
N PHE B 327 6.21 -6.76 -11.38
CA PHE B 327 7.23 -7.73 -10.98
C PHE B 327 6.81 -9.05 -11.61
N LEU B 328 7.42 -9.37 -12.75
CA LEU B 328 6.94 -10.43 -13.63
C LEU B 328 6.87 -11.77 -12.90
N ILE B 329 5.67 -12.13 -12.48
CA ILE B 329 5.42 -13.46 -11.93
C ILE B 329 5.36 -14.44 -13.10
N MET B 330 6.11 -15.53 -12.99
CA MET B 330 6.21 -16.53 -14.04
C MET B 330 5.64 -17.87 -13.55
N ASP B 331 5.74 -18.89 -14.40
CA ASP B 331 5.38 -20.24 -14.00
C ASP B 331 6.45 -20.79 -13.08
N ARG B 332 6.04 -21.60 -12.09
CA ARG B 332 6.99 -22.14 -11.14
C ARG B 332 7.86 -23.24 -11.74
N ASP B 333 7.57 -23.67 -12.96
CA ASP B 333 8.22 -24.83 -13.55
C ASP B 333 9.18 -24.47 -14.67
N CYS B 334 9.96 -23.40 -14.50
CA CYS B 334 11.10 -23.14 -15.39
C CYS B 334 12.39 -23.40 -14.60
N ARG B 335 12.58 -24.67 -14.26
CA ARG B 335 13.78 -25.15 -13.58
C ARG B 335 14.63 -26.06 -14.47
N MET B 336 14.22 -26.32 -15.71
CA MET B 336 14.85 -27.27 -16.59
C MET B 336 15.45 -26.57 -17.80
N PRO B 337 16.46 -27.17 -18.45
CA PRO B 337 17.14 -26.51 -19.57
C PRO B 337 16.18 -26.14 -20.69
N MET B 338 16.67 -25.28 -21.59
CA MET B 338 15.80 -24.68 -22.61
C MET B 338 16.59 -24.32 -23.86
N GLY B 339 17.31 -25.28 -24.44
CA GLY B 339 17.79 -25.06 -25.80
C GLY B 339 19.20 -25.48 -26.19
N LEU B 340 19.94 -26.16 -25.31
CA LEU B 340 21.23 -26.69 -25.70
C LEU B 340 21.28 -28.20 -25.81
N SER B 341 20.54 -28.92 -24.96
CA SER B 341 20.43 -30.36 -25.14
C SER B 341 19.67 -30.69 -26.42
N THR B 342 18.45 -30.14 -26.55
CA THR B 342 17.70 -30.30 -27.79
C THR B 342 18.30 -29.48 -28.91
N GLY B 343 18.36 -28.16 -28.75
CA GLY B 343 19.08 -27.33 -29.69
C GLY B 343 18.28 -26.27 -30.43
N ILE B 344 17.50 -25.48 -29.70
CA ILE B 344 16.84 -24.31 -30.26
C ILE B 344 17.66 -23.04 -30.05
N ILE B 345 18.42 -22.95 -28.96
CA ILE B 345 19.50 -21.99 -28.88
C ILE B 345 20.49 -22.39 -29.97
N SER B 346 20.30 -21.84 -31.17
CA SER B 346 20.90 -22.41 -32.37
C SER B 346 22.43 -22.46 -32.26
N ASP B 347 22.99 -23.52 -32.84
CA ASP B 347 24.42 -23.78 -32.84
C ASP B 347 25.18 -22.95 -33.86
N SER B 348 24.65 -21.80 -34.26
CA SER B 348 25.28 -21.00 -35.30
C SER B 348 26.05 -19.82 -34.70
N GLN B 349 25.46 -19.16 -33.71
CA GLN B 349 26.08 -18.00 -33.08
C GLN B 349 26.66 -18.32 -31.71
N ILE B 350 26.70 -19.60 -31.31
CA ILE B 350 27.44 -19.98 -30.12
C ILE B 350 28.92 -19.85 -30.46
N LYS B 351 29.39 -18.60 -30.55
CA LYS B 351 30.72 -18.30 -31.06
C LYS B 351 31.51 -17.56 -29.99
N ALA B 352 32.79 -17.88 -29.87
CA ALA B 352 33.68 -17.12 -29.00
C ALA B 352 34.07 -15.82 -29.70
N SER B 353 33.98 -14.71 -28.96
CA SER B 353 34.40 -13.42 -29.52
C SER B 353 35.83 -13.49 -30.03
N GLU B 354 36.78 -13.72 -29.14
CA GLU B 354 38.13 -14.08 -29.55
C GLU B 354 38.16 -15.58 -29.79
N PHE B 355 38.26 -15.96 -31.07
CA PHE B 355 38.23 -17.37 -31.44
C PHE B 355 39.52 -18.07 -30.98
N LEU B 356 39.57 -19.37 -31.21
CA LEU B 356 40.74 -20.19 -30.89
C LEU B 356 40.79 -21.37 -31.85
N GLY B 357 41.68 -21.31 -32.83
CA GLY B 357 41.81 -22.38 -33.80
C GLY B 357 40.50 -22.70 -34.51
N TYR B 358 39.96 -23.90 -34.26
CA TYR B 358 38.66 -24.25 -34.81
C TYR B 358 37.91 -25.21 -33.90
N TRP B 359 38.15 -25.12 -32.59
CA TRP B 359 37.24 -25.74 -31.63
C TRP B 359 36.18 -24.74 -31.18
N GLU B 360 35.38 -24.29 -32.13
CA GLU B 360 34.36 -23.29 -31.84
C GLU B 360 33.26 -23.91 -30.99
N PRO B 361 32.57 -23.10 -30.18
CA PRO B 361 31.51 -23.64 -29.31
C PRO B 361 30.29 -24.16 -30.05
N ARG B 362 30.36 -24.33 -31.37
CA ARG B 362 29.19 -24.68 -32.15
C ARG B 362 29.03 -26.20 -32.26
N LEU B 363 30.14 -26.93 -32.37
CA LEU B 363 30.08 -28.39 -32.48
C LEU B 363 29.73 -29.07 -31.17
N ALA B 364 29.43 -28.30 -30.11
CA ALA B 364 29.20 -28.89 -28.81
C ALA B 364 27.71 -29.00 -28.51
N ARG B 365 27.34 -30.06 -27.80
CA ARG B 365 26.00 -30.25 -27.29
C ARG B 365 26.08 -30.71 -25.84
N LEU B 366 24.93 -30.83 -25.20
CA LEU B 366 24.90 -31.35 -23.83
C LEU B 366 25.44 -32.78 -23.84
N ASN B 367 26.69 -32.95 -23.44
CA ASN B 367 27.39 -34.23 -23.50
C ASN B 367 27.35 -34.78 -24.93
N ASN B 368 27.97 -34.04 -25.84
CA ASN B 368 27.96 -34.37 -27.27
C ASN B 368 28.86 -35.56 -27.58
N GLY B 369 28.31 -36.57 -28.23
CA GLY B 369 29.07 -37.75 -28.63
C GLY B 369 30.30 -37.42 -29.45
N GLY B 370 31.36 -36.97 -28.77
CA GLY B 370 32.57 -36.55 -29.42
C GLY B 370 33.51 -35.86 -28.45
N SER B 371 34.82 -36.01 -28.68
CA SER B 371 35.80 -35.44 -27.77
C SER B 371 35.72 -33.91 -27.75
N TYR B 372 35.68 -33.29 -28.93
CA TYR B 372 35.61 -31.83 -29.03
C TYR B 372 34.15 -31.42 -28.84
N ASN B 373 33.83 -30.96 -27.62
CA ASN B 373 32.47 -30.58 -27.27
C ASN B 373 32.43 -29.58 -26.11
N ALA B 374 33.40 -28.68 -26.04
CA ALA B 374 33.49 -27.77 -24.91
C ALA B 374 34.31 -26.54 -25.31
N TRP B 375 33.69 -25.37 -25.22
CA TRP B 375 34.35 -24.13 -25.61
C TRP B 375 35.42 -23.75 -24.60
N SER B 376 36.62 -23.43 -25.10
CA SER B 376 37.72 -22.99 -24.24
C SER B 376 38.77 -22.34 -25.11
N VAL B 377 38.94 -21.02 -24.95
CA VAL B 377 39.96 -20.26 -25.69
C VAL B 377 41.19 -20.13 -24.81
N GLU B 378 42.37 -20.16 -25.43
CA GLU B 378 43.63 -20.04 -24.72
C GLU B 378 43.60 -18.84 -23.77
N LYS B 379 43.74 -19.13 -22.48
CA LYS B 379 43.52 -18.13 -21.44
C LYS B 379 44.54 -17.01 -21.53
N LEU B 380 44.07 -15.81 -21.80
CA LEU B 380 44.88 -14.60 -21.79
C LEU B 380 44.55 -13.77 -20.56
N ALA B 381 45.40 -12.78 -20.27
CA ALA B 381 45.35 -12.03 -19.03
C ALA B 381 44.71 -10.66 -19.21
N ALA B 382 43.60 -10.59 -19.94
CA ALA B 382 42.73 -9.42 -19.86
C ALA B 382 41.91 -9.56 -18.58
N GLU B 383 42.48 -9.08 -17.46
CA GLU B 383 42.08 -9.52 -16.13
C GLU B 383 40.60 -9.41 -15.84
N PHE B 384 39.86 -8.59 -16.60
CA PHE B 384 38.43 -8.48 -16.35
C PHE B 384 37.63 -8.05 -17.56
N ALA B 385 38.27 -7.65 -18.66
CA ALA B 385 37.56 -7.15 -19.82
C ALA B 385 37.38 -8.22 -20.89
N SER B 386 38.44 -8.55 -21.61
CA SER B 386 38.36 -9.39 -22.79
C SER B 386 38.91 -10.78 -22.53
N LYS B 387 38.51 -11.40 -21.41
CA LYS B 387 38.75 -12.83 -21.24
C LYS B 387 37.89 -13.58 -22.24
N PRO B 388 38.18 -14.85 -22.56
CA PRO B 388 37.33 -15.59 -23.49
C PRO B 388 35.84 -15.46 -23.20
N TRP B 389 35.17 -14.58 -23.95
CA TRP B 389 33.75 -14.32 -23.78
C TRP B 389 33.01 -14.66 -25.06
N ILE B 390 31.69 -14.67 -24.98
CA ILE B 390 30.84 -15.09 -26.09
C ILE B 390 29.66 -14.13 -26.23
N GLN B 391 28.76 -14.45 -27.15
CA GLN B 391 27.47 -13.79 -27.25
C GLN B 391 26.46 -14.87 -27.63
N VAL B 392 25.39 -14.99 -26.84
CA VAL B 392 24.45 -16.09 -27.02
C VAL B 392 23.04 -15.61 -26.66
N ASP B 393 22.04 -16.35 -27.13
CA ASP B 393 20.64 -16.03 -26.89
C ASP B 393 19.79 -17.18 -27.44
N MET B 394 18.58 -17.28 -26.89
CA MET B 394 17.59 -18.26 -27.34
C MET B 394 16.97 -17.78 -28.66
N GLN B 395 17.43 -16.63 -29.14
CA GLN B 395 16.95 -15.88 -30.30
C GLN B 395 15.59 -15.26 -30.02
N LYS B 396 15.18 -15.14 -28.76
CA LYS B 396 13.97 -14.46 -28.34
C LYS B 396 14.23 -13.81 -26.98
N GLU B 397 13.18 -13.23 -26.40
CA GLU B 397 13.27 -12.61 -25.09
C GLU B 397 13.28 -13.68 -24.01
N VAL B 398 14.29 -13.65 -23.15
CA VAL B 398 14.45 -14.69 -22.14
C VAL B 398 14.58 -14.08 -20.75
N ILE B 399 14.24 -14.86 -19.73
CA ILE B 399 14.51 -14.52 -18.33
C ILE B 399 15.48 -15.57 -17.84
N ILE B 400 16.77 -15.25 -17.87
CA ILE B 400 17.81 -16.25 -17.62
C ILE B 400 17.80 -16.64 -16.15
N THR B 401 17.59 -17.94 -15.89
CA THR B 401 17.78 -18.46 -14.53
C THR B 401 19.25 -18.68 -14.24
N GLY B 402 20.03 -18.98 -15.27
CA GLY B 402 21.45 -19.20 -15.12
C GLY B 402 21.94 -20.10 -16.24
N ILE B 403 23.24 -20.40 -16.17
CA ILE B 403 23.87 -21.31 -17.12
C ILE B 403 24.55 -22.42 -16.33
N GLN B 404 24.52 -23.63 -16.89
CA GLN B 404 25.17 -24.80 -16.32
C GLN B 404 26.05 -25.43 -17.40
N THR B 405 26.76 -26.49 -17.04
CA THR B 405 27.64 -27.12 -18.00
C THR B 405 27.91 -28.57 -17.60
N GLN B 406 28.20 -29.39 -18.61
CA GLN B 406 28.63 -30.77 -18.42
C GLN B 406 29.88 -31.00 -19.25
N GLY B 407 31.03 -31.11 -18.60
CA GLY B 407 32.28 -31.28 -19.29
C GLY B 407 32.52 -32.71 -19.75
N ALA B 408 33.46 -32.85 -20.69
CA ALA B 408 33.86 -34.14 -21.22
C ALA B 408 35.38 -34.07 -21.41
N LYS B 409 36.11 -34.42 -20.35
CA LYS B 409 37.57 -34.37 -20.40
C LYS B 409 38.11 -35.38 -21.39
N HIS B 410 39.14 -34.97 -22.15
CA HIS B 410 39.79 -35.82 -23.14
C HIS B 410 40.42 -37.03 -22.48
N TYR B 411 41.70 -36.91 -22.10
CA TYR B 411 42.43 -37.95 -21.38
C TYR B 411 43.48 -37.29 -20.49
N LEU B 412 43.82 -36.06 -20.79
CA LEU B 412 44.72 -35.25 -19.98
C LEU B 412 44.18 -33.85 -19.75
N LYS B 413 43.47 -33.30 -20.74
CA LYS B 413 42.87 -31.97 -20.59
C LYS B 413 41.62 -32.09 -19.72
N SER B 414 41.71 -31.53 -18.51
CA SER B 414 40.60 -31.66 -17.57
C SER B 414 39.35 -30.97 -18.10
N CYS B 415 39.53 -29.77 -18.67
CA CYS B 415 38.44 -28.99 -19.25
C CYS B 415 37.34 -28.72 -18.22
N TYR B 416 37.66 -27.80 -17.30
CA TYR B 416 36.75 -27.44 -16.23
C TYR B 416 37.04 -26.01 -15.77
N THR B 417 35.99 -25.28 -15.43
CA THR B 417 36.09 -23.91 -14.96
C THR B 417 35.83 -23.84 -13.45
N THR B 418 36.18 -22.70 -12.85
CA THR B 418 36.11 -22.55 -11.40
C THR B 418 35.22 -21.40 -10.97
N GLU B 419 35.14 -20.31 -11.74
CA GLU B 419 34.28 -19.17 -11.43
C GLU B 419 33.78 -18.55 -12.73
N PHE B 420 33.03 -17.46 -12.60
CA PHE B 420 32.20 -17.03 -13.71
C PHE B 420 31.59 -15.66 -13.43
N TYR B 421 31.36 -14.90 -14.51
CA TYR B 421 30.57 -13.69 -14.47
C TYR B 421 29.83 -13.55 -15.79
N VAL B 422 28.82 -12.69 -15.82
CA VAL B 422 27.95 -12.51 -16.99
C VAL B 422 27.59 -11.05 -17.11
N ALA B 423 27.47 -10.58 -18.36
CA ALA B 423 27.01 -9.23 -18.64
C ALA B 423 25.81 -9.27 -19.58
N TYR B 424 24.86 -8.37 -19.36
CA TYR B 424 23.66 -8.32 -20.18
C TYR B 424 23.67 -7.07 -21.04
N SER B 425 23.11 -7.19 -22.26
CA SER B 425 23.03 -6.09 -23.22
C SER B 425 21.68 -6.18 -23.93
N SER B 426 20.83 -5.20 -23.69
CA SER B 426 19.50 -5.21 -24.28
C SER B 426 19.50 -4.63 -25.69
N ASN B 427 20.22 -3.52 -25.90
CA ASN B 427 20.30 -2.87 -27.19
C ASN B 427 21.69 -2.95 -27.80
N GLN B 428 22.54 -3.84 -27.29
CA GLN B 428 23.85 -4.19 -27.83
C GLN B 428 24.86 -3.06 -27.72
N ILE B 429 24.67 -2.13 -26.77
CA ILE B 429 25.62 -1.05 -26.52
C ILE B 429 25.79 -0.80 -25.02
N ASN B 430 24.95 -1.41 -24.20
CA ASN B 430 25.06 -1.29 -22.73
C ASN B 430 25.28 -2.68 -22.13
N TRP B 431 26.31 -3.34 -22.64
CA TRP B 431 26.73 -4.65 -22.13
C TRP B 431 27.08 -4.51 -20.66
N GLN B 432 26.08 -4.57 -19.79
CA GLN B 432 26.23 -4.27 -18.37
C GLN B 432 26.49 -5.54 -17.58
N ILE B 433 27.57 -5.52 -16.80
CA ILE B 433 28.02 -6.69 -16.05
C ILE B 433 27.05 -7.01 -14.92
N PHE B 434 27.16 -8.21 -14.38
CA PHE B 434 26.31 -8.67 -13.27
C PHE B 434 27.20 -8.90 -12.06
N LYS B 435 27.37 -7.87 -11.24
CA LYS B 435 28.09 -7.95 -9.97
C LYS B 435 27.08 -7.81 -8.84
N GLY B 436 26.25 -8.85 -8.67
CA GLY B 436 25.15 -8.80 -7.74
C GLY B 436 25.57 -8.89 -6.29
N ASN B 437 24.60 -8.68 -5.41
CA ASN B 437 24.81 -8.71 -3.96
C ASN B 437 23.63 -9.37 -3.27
N SER B 438 23.11 -10.45 -3.86
CA SER B 438 21.93 -11.10 -3.34
C SER B 438 22.28 -11.96 -2.12
N THR B 439 21.41 -12.94 -1.82
CA THR B 439 21.65 -13.82 -0.69
C THR B 439 22.85 -14.73 -0.94
N ARG B 440 22.90 -15.34 -2.13
CA ARG B 440 24.00 -16.22 -2.51
C ARG B 440 24.82 -15.65 -3.66
N ASN B 441 24.59 -14.40 -4.03
CA ASN B 441 25.36 -13.72 -5.07
C ASN B 441 26.31 -12.73 -4.41
N VAL B 442 27.60 -12.86 -4.71
CA VAL B 442 28.59 -11.90 -4.25
C VAL B 442 29.07 -11.09 -5.45
N MET B 443 30.22 -10.43 -5.32
CA MET B 443 30.76 -9.61 -6.40
C MET B 443 30.94 -10.44 -7.67
N TYR B 444 31.82 -11.43 -7.63
CA TYR B 444 31.92 -12.42 -8.69
C TYR B 444 31.14 -13.65 -8.22
N PHE B 445 29.82 -13.56 -8.35
CA PHE B 445 28.93 -14.62 -7.84
C PHE B 445 29.27 -15.95 -8.48
N ASN B 446 29.36 -16.99 -7.65
CA ASN B 446 29.86 -18.28 -8.09
C ASN B 446 28.92 -18.94 -9.10
N GLY B 447 29.31 -18.96 -10.36
CA GLY B 447 28.54 -19.61 -11.40
C GLY B 447 29.04 -21.01 -11.68
N ASN B 448 29.62 -21.22 -12.87
CA ASN B 448 30.20 -22.51 -13.20
C ASN B 448 31.48 -22.74 -12.38
N SER B 449 31.62 -23.94 -11.80
CA SER B 449 32.72 -24.20 -10.88
C SER B 449 33.13 -25.67 -10.80
N ASP B 450 32.68 -26.52 -11.71
CA ASP B 450 32.90 -27.95 -11.63
C ASP B 450 33.52 -28.47 -12.93
N ALA B 451 33.43 -29.78 -13.13
CA ALA B 451 33.89 -30.43 -14.35
C ALA B 451 32.83 -31.29 -15.02
N SER B 452 31.78 -31.69 -14.30
CA SER B 452 30.77 -32.61 -14.83
C SER B 452 29.36 -32.21 -14.47
N THR B 453 29.07 -31.92 -13.21
CA THR B 453 27.70 -31.66 -12.80
C THR B 453 27.20 -30.33 -13.37
N ILE B 454 26.02 -30.37 -13.99
CA ILE B 454 25.37 -29.15 -14.43
C ILE B 454 25.03 -28.32 -13.19
N LYS B 455 25.96 -27.46 -12.77
CA LYS B 455 25.81 -26.77 -11.50
C LYS B 455 24.61 -25.84 -11.51
N GLU B 456 23.85 -25.87 -10.42
CA GLU B 456 22.64 -25.07 -10.31
C GLU B 456 22.99 -23.63 -9.93
N ASN B 457 22.55 -22.69 -10.75
CA ASN B 457 22.72 -21.27 -10.49
C ASN B 457 21.38 -20.59 -10.75
N GLN B 458 20.89 -19.85 -9.76
CA GLN B 458 19.61 -19.16 -9.87
C GLN B 458 19.85 -17.65 -9.84
N PHE B 459 19.52 -16.98 -10.95
CA PHE B 459 19.58 -15.53 -11.00
C PHE B 459 18.38 -14.99 -10.24
N ASP B 460 18.63 -14.53 -9.01
CA ASP B 460 17.55 -14.08 -8.14
C ASP B 460 16.87 -12.81 -8.67
N PRO B 461 17.60 -11.79 -9.12
CA PRO B 461 16.92 -10.62 -9.70
C PRO B 461 16.47 -10.90 -11.12
N PRO B 462 15.48 -10.19 -11.63
CA PRO B 462 14.97 -10.48 -12.97
C PRO B 462 16.00 -10.20 -14.05
N ILE B 463 15.88 -10.94 -15.14
CA ILE B 463 16.74 -10.77 -16.32
C ILE B 463 15.90 -10.17 -17.42
N VAL B 464 16.23 -8.93 -17.81
CA VAL B 464 15.56 -8.26 -18.92
C VAL B 464 16.62 -7.99 -20.00
N ALA B 465 16.86 -8.97 -20.85
CA ALA B 465 17.94 -8.90 -21.83
C ALA B 465 17.47 -9.45 -23.17
N ARG B 466 18.12 -9.00 -24.23
CA ARG B 466 17.98 -9.55 -25.58
C ARG B 466 19.21 -10.29 -26.05
N TYR B 467 20.41 -9.83 -25.65
CA TYR B 467 21.64 -10.58 -25.83
C TYR B 467 22.52 -10.36 -24.61
N ILE B 468 23.63 -11.08 -24.55
CA ILE B 468 24.52 -11.08 -23.41
C ILE B 468 25.95 -11.30 -23.89
N ARG B 469 26.91 -11.12 -22.99
CA ARG B 469 28.27 -11.58 -23.19
C ARG B 469 28.71 -12.29 -21.93
N ILE B 470 29.20 -13.52 -22.08
CA ILE B 470 29.44 -14.42 -20.96
C ILE B 470 30.89 -14.85 -20.93
N SER B 471 31.55 -14.59 -19.81
CA SER B 471 32.97 -14.92 -19.70
C SER B 471 33.29 -15.63 -18.39
N PRO B 472 33.61 -16.92 -18.45
CA PRO B 472 34.22 -17.57 -17.28
C PRO B 472 35.70 -17.24 -17.18
N THR B 473 36.27 -17.35 -15.98
CA THR B 473 37.65 -16.92 -15.77
C THR B 473 38.62 -18.08 -15.64
N ARG B 474 38.82 -18.58 -14.42
CA ARG B 474 39.92 -19.47 -14.09
C ARG B 474 39.61 -20.89 -14.50
N ALA B 475 40.62 -21.59 -15.00
CA ALA B 475 40.49 -23.00 -15.34
C ALA B 475 41.89 -23.60 -15.37
N TYR B 476 42.03 -24.75 -16.03
CA TYR B 476 43.34 -25.34 -16.27
C TYR B 476 43.85 -24.87 -17.62
N ASN B 477 44.26 -23.59 -17.63
CA ASN B 477 44.87 -22.91 -18.78
C ASN B 477 43.87 -22.67 -19.92
N ARG B 478 42.57 -22.89 -19.66
CA ARG B 478 41.54 -22.69 -20.68
C ARG B 478 40.13 -22.83 -20.10
N PRO B 479 39.35 -21.72 -20.05
CA PRO B 479 38.01 -21.79 -19.45
C PRO B 479 37.00 -22.58 -20.26
N THR B 480 36.49 -23.67 -19.68
CA THR B 480 35.60 -24.58 -20.39
C THR B 480 34.14 -24.29 -20.05
N LEU B 481 33.30 -24.26 -21.08
CA LEU B 481 31.90 -23.95 -20.86
C LEU B 481 31.04 -24.44 -22.03
N ARG B 482 29.94 -25.10 -21.70
CA ARG B 482 28.82 -25.25 -22.63
C ARG B 482 27.56 -24.91 -21.85
N LEU B 483 26.91 -23.80 -22.23
CA LEU B 483 25.86 -23.22 -21.40
C LEU B 483 24.59 -24.08 -21.43
N GLU B 484 23.93 -24.15 -20.27
CA GLU B 484 22.63 -24.79 -20.14
C GLU B 484 21.67 -23.72 -19.63
N LEU B 485 20.88 -23.15 -20.53
CA LEU B 485 20.04 -22.01 -20.21
C LEU B 485 18.66 -22.48 -19.71
N GLN B 486 18.11 -21.70 -18.78
CA GLN B 486 16.74 -21.90 -18.31
C GLN B 486 16.05 -20.55 -18.35
N GLY B 487 14.85 -20.50 -18.95
CA GLY B 487 14.08 -19.27 -18.96
C GLY B 487 12.59 -19.56 -19.08
N CYS B 488 11.82 -18.49 -18.87
CA CYS B 488 10.36 -18.53 -18.98
C CYS B 488 9.87 -17.12 -19.25
N GLU B 489 9.13 -16.93 -20.34
CA GLU B 489 8.56 -15.64 -20.68
C GLU B 489 7.31 -15.41 -19.83
N VAL B 490 6.57 -14.32 -20.08
CA VAL B 490 5.43 -13.96 -19.24
C VAL B 490 4.41 -15.10 -19.19
N ASN B 491 4.37 -15.93 -20.23
CA ASN B 491 3.39 -17.01 -20.30
C ASN B 491 4.07 -18.38 -20.34
N GLY B 492 4.76 -18.71 -21.43
CA GLY B 492 5.57 -19.91 -21.54
C GLY B 492 4.98 -21.17 -20.95
N CYS B 493 3.75 -21.51 -21.33
CA CYS B 493 3.06 -22.66 -20.78
C CYS B 493 3.21 -23.92 -21.63
N SER B 494 4.19 -23.94 -22.54
CA SER B 494 4.35 -25.04 -23.48
C SER B 494 4.80 -26.32 -22.78
N THR B 495 3.92 -26.89 -21.98
CA THR B 495 4.09 -28.21 -21.43
C THR B 495 3.21 -29.16 -22.23
N PRO B 496 3.40 -30.48 -22.09
CA PRO B 496 2.48 -31.43 -22.73
C PRO B 496 1.01 -31.08 -22.47
N LEU B 497 0.38 -30.45 -23.47
CA LEU B 497 -1.00 -29.99 -23.30
C LEU B 497 -1.95 -31.12 -22.91
N GLY B 498 -1.58 -32.36 -23.22
CA GLY B 498 -2.48 -33.46 -23.04
C GLY B 498 -3.14 -33.85 -24.35
N MET B 499 -2.32 -34.28 -25.32
CA MET B 499 -2.87 -34.70 -26.60
C MET B 499 -3.68 -35.98 -26.45
N GLU B 500 -3.50 -36.69 -25.33
CA GLU B 500 -4.26 -37.90 -25.02
C GLU B 500 -4.81 -37.88 -23.60
N ASN B 501 -5.06 -36.70 -23.04
CA ASN B 501 -5.51 -36.57 -21.67
C ASN B 501 -7.00 -36.86 -21.48
N GLY B 502 -7.69 -37.27 -22.54
CA GLY B 502 -9.13 -37.46 -22.48
C GLY B 502 -9.95 -36.19 -22.57
N LYS B 503 -9.30 -35.02 -22.64
CA LYS B 503 -9.97 -33.74 -22.74
C LYS B 503 -9.76 -33.06 -24.08
N ILE B 504 -8.57 -33.15 -24.64
CA ILE B 504 -8.23 -32.43 -25.87
C ILE B 504 -7.41 -33.34 -26.78
N GLU B 505 -8.09 -34.19 -27.54
CA GLU B 505 -7.48 -35.25 -28.34
C GLU B 505 -6.90 -34.70 -29.64
N ASN B 506 -5.81 -35.33 -30.09
CA ASN B 506 -5.23 -35.06 -31.41
C ASN B 506 -5.21 -36.28 -32.32
N LYS B 507 -5.40 -37.48 -31.77
CA LYS B 507 -5.39 -38.71 -32.56
C LYS B 507 -6.36 -38.63 -33.74
N GLN B 508 -7.51 -37.99 -33.54
CA GLN B 508 -8.54 -37.89 -34.56
C GLN B 508 -8.21 -36.91 -35.67
N ILE B 509 -7.07 -36.22 -35.58
CA ILE B 509 -6.63 -35.13 -36.44
C ILE B 509 -7.32 -35.13 -37.80
N THR B 510 -8.33 -34.30 -37.95
CA THR B 510 -9.07 -34.16 -39.20
C THR B 510 -8.50 -33.01 -40.00
N ALA B 511 -8.59 -33.15 -41.33
CA ALA B 511 -8.04 -32.19 -42.28
C ALA B 511 -8.43 -32.68 -43.67
N SER B 512 -7.89 -32.04 -44.71
CA SER B 512 -8.09 -32.48 -46.08
C SER B 512 -6.92 -33.32 -46.59
N SER B 513 -6.36 -34.16 -45.74
CA SER B 513 -5.19 -34.97 -46.10
C SER B 513 -5.31 -36.37 -45.51
N PHE B 514 -6.49 -36.97 -45.60
CA PHE B 514 -6.71 -38.31 -45.09
C PHE B 514 -7.69 -39.08 -45.96
N ARG B 527 -8.64 -40.41 -36.75
CA ARG B 527 -8.42 -40.62 -38.17
C ARG B 527 -7.03 -41.18 -38.45
N ALA B 528 -6.01 -40.34 -38.29
CA ALA B 528 -4.63 -40.76 -38.52
C ALA B 528 -4.16 -41.61 -37.34
N ARG B 529 -2.84 -41.79 -37.20
CA ARG B 529 -2.26 -42.66 -36.19
C ARG B 529 -1.03 -41.99 -35.54
N LEU B 530 -1.29 -41.06 -34.62
CA LEU B 530 -0.22 -40.44 -33.84
C LEU B 530 -0.15 -41.15 -32.48
N ASN B 531 0.86 -42.02 -32.34
CA ASN B 531 1.13 -42.75 -31.10
C ASN B 531 -0.03 -43.66 -30.69
N ALA B 532 -0.61 -44.32 -31.69
CA ALA B 532 -1.53 -45.44 -31.47
C ALA B 532 -0.95 -46.58 -32.29
N GLN B 533 0.14 -47.16 -31.79
CA GLN B 533 1.06 -47.95 -32.59
C GLN B 533 0.43 -49.28 -33.00
N GLY B 534 1.28 -50.22 -33.44
CA GLY B 534 0.79 -51.36 -34.18
C GLY B 534 0.33 -50.99 -35.58
N ARG B 535 0.86 -49.90 -36.14
CA ARG B 535 0.36 -49.30 -37.35
C ARG B 535 1.52 -49.06 -38.30
N VAL B 536 1.20 -48.50 -39.47
CA VAL B 536 2.20 -48.14 -40.47
C VAL B 536 3.04 -46.98 -39.93
N ASN B 537 4.17 -46.71 -40.59
CA ASN B 537 5.16 -45.76 -40.08
C ASN B 537 5.29 -44.57 -41.04
N ALA B 538 4.24 -43.75 -41.12
CA ALA B 538 4.25 -42.58 -41.98
C ALA B 538 3.03 -41.68 -41.78
N TRP B 539 3.10 -40.47 -42.32
CA TRP B 539 1.94 -39.61 -42.51
C TRP B 539 1.78 -39.33 -44.00
N GLN B 540 0.55 -39.09 -44.43
CA GLN B 540 0.27 -38.86 -45.84
C GLN B 540 -0.62 -37.63 -46.01
N ALA B 541 -0.27 -36.76 -46.94
CA ALA B 541 -1.07 -35.61 -47.31
C ALA B 541 -1.66 -35.82 -48.70
N LYS B 542 -2.29 -34.78 -49.25
CA LYS B 542 -2.92 -34.87 -50.57
C LYS B 542 -2.38 -33.87 -51.56
N ALA B 543 -2.35 -32.58 -51.23
CA ALA B 543 -1.82 -31.55 -52.13
C ALA B 543 -0.91 -30.63 -51.33
N ASN B 544 -0.69 -29.42 -51.84
CA ASN B 544 0.22 -28.45 -51.23
C ASN B 544 -0.32 -27.04 -51.46
N ASN B 545 -1.23 -26.59 -50.60
CA ASN B 545 -1.74 -25.22 -50.62
C ASN B 545 -2.55 -25.01 -49.34
N ASN B 546 -3.36 -23.95 -49.33
CA ASN B 546 -4.22 -23.65 -48.19
C ASN B 546 -5.44 -24.58 -48.25
N LYS B 547 -5.20 -25.85 -47.92
CA LYS B 547 -6.17 -26.91 -48.16
C LYS B 547 -6.81 -27.45 -46.90
N GLN B 548 -6.03 -27.84 -45.91
CA GLN B 548 -6.55 -28.55 -44.74
C GLN B 548 -7.41 -27.62 -43.88
N TRP B 549 -8.04 -28.21 -42.87
CA TRP B 549 -8.48 -27.47 -41.69
C TRP B 549 -8.16 -28.33 -40.47
N LEU B 550 -7.42 -27.76 -39.53
CA LEU B 550 -6.91 -28.51 -38.39
C LEU B 550 -7.93 -28.53 -37.26
N GLU B 551 -9.06 -29.19 -37.54
CA GLU B 551 -10.08 -29.37 -36.51
C GLU B 551 -9.57 -30.38 -35.50
N ILE B 552 -8.59 -29.98 -34.69
CA ILE B 552 -8.11 -30.86 -33.63
C ILE B 552 -9.14 -30.84 -32.51
N ASP B 553 -9.85 -31.96 -32.35
CA ASP B 553 -10.94 -32.06 -31.38
C ASP B 553 -10.40 -31.81 -29.99
N LEU B 554 -10.29 -30.52 -29.65
CA LEU B 554 -9.94 -30.07 -28.30
C LEU B 554 -11.16 -29.49 -27.59
N LEU B 555 -11.76 -28.45 -28.18
CA LEU B 555 -13.01 -27.84 -27.71
C LEU B 555 -12.92 -27.32 -26.28
N LYS B 556 -11.71 -27.01 -25.82
CA LYS B 556 -11.50 -26.51 -24.47
C LYS B 556 -11.09 -25.05 -24.52
N ILE B 557 -11.65 -24.25 -23.63
CA ILE B 557 -11.28 -22.86 -23.49
C ILE B 557 -10.22 -22.79 -22.41
N LYS B 558 -8.96 -22.69 -22.83
CA LYS B 558 -7.84 -22.70 -21.90
C LYS B 558 -6.89 -21.58 -22.30
N LYS B 559 -5.59 -21.80 -22.12
CA LYS B 559 -4.55 -20.82 -22.45
C LYS B 559 -3.29 -21.60 -22.84
N ILE B 560 -3.35 -22.25 -23.99
CA ILE B 560 -2.15 -22.83 -24.61
C ILE B 560 -1.34 -21.66 -25.14
N THR B 561 -0.47 -21.14 -24.28
CA THR B 561 0.21 -19.87 -24.55
C THR B 561 1.15 -19.92 -25.74
N ALA B 562 1.68 -21.10 -26.08
CA ALA B 562 2.54 -21.24 -27.23
C ALA B 562 2.23 -22.57 -27.91
N ILE B 563 2.77 -22.73 -29.11
CA ILE B 563 2.65 -23.97 -29.88
C ILE B 563 4.02 -24.33 -30.44
N ILE B 564 4.30 -25.63 -30.50
CA ILE B 564 5.58 -26.13 -31.00
C ILE B 564 5.30 -27.26 -31.98
N THR B 565 6.11 -27.32 -33.05
CA THR B 565 6.02 -28.38 -34.06
C THR B 565 7.34 -29.15 -34.05
N GLN B 566 7.34 -30.30 -33.38
CA GLN B 566 8.53 -31.13 -33.25
C GLN B 566 8.61 -32.14 -34.39
N GLY B 567 9.78 -32.75 -34.56
CA GLY B 567 10.02 -33.71 -35.60
C GLY B 567 9.97 -35.15 -35.09
N CYS B 568 10.22 -36.07 -36.01
CA CYS B 568 10.16 -37.49 -35.73
C CYS B 568 11.04 -38.23 -36.74
N LYS B 569 10.65 -39.45 -37.10
CA LYS B 569 11.39 -40.28 -38.05
C LYS B 569 10.33 -41.04 -38.85
N SER B 570 9.66 -40.33 -39.75
CA SER B 570 8.52 -40.88 -40.49
C SER B 570 9.00 -41.48 -41.80
N LEU B 571 9.74 -42.59 -41.67
CA LEU B 571 10.18 -43.43 -42.79
C LEU B 571 11.24 -42.72 -43.63
N SER B 572 11.34 -41.40 -43.51
CA SER B 572 12.38 -40.66 -44.19
C SER B 572 12.63 -39.33 -43.48
N SER B 573 12.96 -38.30 -44.26
CA SER B 573 13.04 -36.96 -43.71
C SER B 573 11.64 -36.40 -43.49
N GLU B 574 11.48 -35.63 -42.43
CA GLU B 574 10.15 -35.24 -42.00
C GLU B 574 9.52 -34.22 -42.94
N MET B 575 8.25 -34.44 -43.26
CA MET B 575 7.41 -33.47 -43.95
C MET B 575 6.42 -32.88 -42.95
N TYR B 576 6.25 -31.57 -43.04
CA TYR B 576 5.55 -30.83 -41.98
C TYR B 576 4.84 -29.65 -42.62
N VAL B 577 4.43 -28.70 -41.79
CA VAL B 577 3.76 -27.49 -42.24
C VAL B 577 4.78 -26.36 -42.25
N LYS B 578 5.05 -25.82 -43.45
CA LYS B 578 6.02 -24.73 -43.55
C LYS B 578 5.46 -23.45 -42.93
N SER B 579 4.17 -23.20 -43.12
CA SER B 579 3.50 -22.04 -42.59
C SER B 579 2.00 -22.23 -42.77
N TYR B 580 1.23 -21.39 -42.09
CA TYR B 580 -0.23 -21.47 -42.12
C TYR B 580 -0.81 -20.08 -42.00
N THR B 581 -1.75 -19.75 -42.87
CA THR B 581 -2.49 -18.49 -42.74
C THR B 581 -3.25 -18.50 -41.43
N ILE B 582 -2.58 -18.10 -40.35
CA ILE B 582 -3.05 -18.28 -38.98
C ILE B 582 -4.47 -17.74 -38.87
N HIS B 583 -5.45 -18.54 -39.25
CA HIS B 583 -6.84 -18.14 -39.20
C HIS B 583 -7.41 -18.46 -37.82
N TYR B 584 -8.33 -17.61 -37.36
CA TYR B 584 -8.86 -17.72 -36.01
C TYR B 584 -9.78 -18.93 -35.89
N SER B 585 -10.52 -19.00 -34.78
CA SER B 585 -11.40 -20.14 -34.51
C SER B 585 -12.28 -19.80 -33.30
N GLU B 586 -13.23 -18.90 -33.51
CA GLU B 586 -14.16 -18.44 -32.48
C GLU B 586 -15.34 -19.40 -32.35
N GLN B 587 -16.38 -18.95 -31.65
CA GLN B 587 -17.51 -19.79 -31.25
C GLN B 587 -18.35 -20.34 -32.40
N GLY B 588 -18.32 -19.68 -33.56
CA GLY B 588 -19.08 -20.12 -34.71
C GLY B 588 -18.23 -20.77 -35.78
N VAL B 589 -18.87 -21.03 -36.92
CA VAL B 589 -18.16 -21.49 -38.10
C VAL B 589 -17.28 -20.36 -38.57
N GLU B 590 -16.05 -20.31 -38.05
CA GLU B 590 -15.25 -19.10 -38.04
C GLU B 590 -13.93 -19.30 -38.77
N TRP B 591 -13.51 -18.25 -39.49
CA TRP B 591 -12.19 -18.13 -40.06
C TRP B 591 -11.79 -16.67 -39.95
N LYS B 592 -10.50 -16.41 -40.11
CA LYS B 592 -10.03 -15.02 -40.02
C LYS B 592 -8.61 -14.90 -40.55
N PRO B 593 -8.41 -14.27 -41.70
CA PRO B 593 -7.03 -13.91 -42.10
C PRO B 593 -6.37 -13.11 -40.99
N TYR B 594 -5.06 -13.33 -40.84
CA TYR B 594 -4.33 -12.88 -39.66
C TYR B 594 -4.46 -11.37 -39.46
N ARG B 595 -5.57 -10.94 -38.87
CA ARG B 595 -5.86 -9.54 -38.53
C ARG B 595 -6.57 -9.56 -37.18
N LEU B 596 -5.84 -9.96 -36.14
CA LEU B 596 -6.43 -10.07 -34.80
C LEU B 596 -6.48 -8.71 -34.10
N GLU B 606 4.62 -18.75 -39.72
CA GLU B 606 5.49 -19.86 -40.12
C GLU B 606 5.15 -21.11 -39.33
N GLY B 607 5.62 -22.27 -39.80
CA GLY B 607 5.50 -23.50 -39.05
C GLY B 607 6.83 -24.21 -38.92
N ASN B 608 6.88 -25.49 -39.25
CA ASN B 608 8.13 -26.21 -39.24
C ASN B 608 8.86 -26.01 -40.57
N THR B 609 10.18 -25.97 -40.50
CA THR B 609 11.00 -25.68 -41.67
C THR B 609 12.10 -26.71 -41.90
N ASN B 610 12.75 -27.20 -40.85
CA ASN B 610 13.74 -28.25 -40.97
C ASN B 610 13.25 -29.52 -40.29
N THR B 611 13.65 -30.66 -40.85
CA THR B 611 13.08 -31.95 -40.46
C THR B 611 13.37 -32.28 -39.00
N LYS B 612 14.64 -32.25 -38.61
CA LYS B 612 15.05 -32.67 -37.27
C LYS B 612 15.32 -31.44 -36.41
N GLY B 613 14.41 -31.16 -35.48
CA GLY B 613 14.53 -30.01 -34.60
C GLY B 613 13.23 -29.60 -33.95
N HIS B 614 13.30 -29.22 -32.67
CA HIS B 614 12.13 -28.79 -31.91
C HIS B 614 11.79 -27.35 -32.28
N VAL B 615 11.63 -27.08 -33.59
CA VAL B 615 11.52 -25.72 -34.06
C VAL B 615 10.10 -25.18 -33.85
N LYS B 616 10.01 -23.95 -33.35
CA LYS B 616 8.74 -23.32 -33.04
C LYS B 616 8.64 -21.97 -33.72
N ASN B 617 7.44 -21.66 -34.23
CA ASN B 617 7.09 -20.33 -34.69
C ASN B 617 5.91 -19.88 -33.83
N PHE B 618 6.22 -19.22 -32.71
CA PHE B 618 5.20 -18.80 -31.76
C PHE B 618 4.27 -17.77 -32.38
N PHE B 619 2.96 -17.96 -32.21
CA PHE B 619 2.01 -16.93 -32.58
C PHE B 619 2.26 -15.71 -31.69
N ASN B 620 2.68 -14.60 -32.30
CA ASN B 620 3.23 -13.48 -31.53
C ASN B 620 2.27 -12.96 -30.45
N PRO B 621 1.01 -12.64 -30.73
CA PRO B 621 0.08 -12.34 -29.65
C PRO B 621 -0.59 -13.61 -29.15
N PRO B 622 -1.03 -13.64 -27.90
CA PRO B 622 -1.71 -14.84 -27.39
C PRO B 622 -3.03 -15.07 -28.10
N ILE B 623 -3.34 -16.34 -28.36
CA ILE B 623 -4.57 -16.73 -29.05
C ILE B 623 -5.33 -17.66 -28.11
N ILE B 624 -6.58 -17.31 -27.82
CA ILE B 624 -7.46 -18.08 -26.95
C ILE B 624 -8.87 -17.99 -27.52
N SER B 625 -9.48 -19.14 -27.80
CA SER B 625 -10.85 -19.14 -28.31
C SER B 625 -11.46 -20.52 -28.10
N ARG B 626 -12.66 -20.71 -28.62
CA ARG B 626 -13.45 -21.92 -28.41
C ARG B 626 -13.10 -23.02 -29.42
N PHE B 627 -13.01 -22.69 -30.70
CA PHE B 627 -12.70 -23.64 -31.75
C PHE B 627 -11.19 -23.77 -31.91
N ILE B 628 -10.77 -24.83 -32.61
CA ILE B 628 -9.36 -25.14 -32.85
C ILE B 628 -9.20 -25.43 -34.33
N ARG B 629 -8.37 -24.64 -35.02
CA ARG B 629 -8.16 -24.78 -36.46
C ARG B 629 -7.02 -23.88 -36.92
N VAL B 630 -6.16 -24.38 -37.82
CA VAL B 630 -5.06 -23.59 -38.37
C VAL B 630 -4.81 -24.11 -39.79
N ILE B 631 -5.55 -23.58 -40.75
CA ILE B 631 -5.42 -23.99 -42.15
C ILE B 631 -4.00 -23.70 -42.64
N PRO B 632 -3.26 -24.72 -43.13
CA PRO B 632 -1.86 -24.49 -43.54
C PRO B 632 -1.71 -23.87 -44.92
N LYS B 633 -1.05 -22.71 -45.00
CA LYS B 633 -0.94 -22.01 -46.27
C LYS B 633 0.10 -22.64 -47.19
N THR B 634 1.17 -23.16 -46.61
CA THR B 634 2.24 -23.79 -47.35
C THR B 634 2.35 -25.26 -46.96
N TRP B 635 3.31 -25.93 -47.57
CA TRP B 635 3.51 -27.36 -47.32
C TRP B 635 4.94 -27.77 -47.60
N ASN B 636 5.46 -28.70 -46.82
CA ASN B 636 6.76 -29.29 -47.08
C ASN B 636 6.62 -30.46 -48.04
N GLN B 637 5.96 -30.22 -49.18
CA GLN B 637 5.71 -31.24 -50.20
C GLN B 637 4.80 -32.35 -49.70
N SER B 638 4.57 -32.42 -48.39
CA SER B 638 3.69 -33.39 -47.77
C SER B 638 3.63 -33.15 -46.26
N ILE B 639 3.02 -34.08 -45.54
CA ILE B 639 3.12 -34.14 -44.09
C ILE B 639 3.70 -35.50 -43.73
N ALA B 640 4.66 -35.52 -42.79
CA ALA B 640 5.22 -36.79 -42.32
C ALA B 640 5.92 -36.53 -40.99
N LEU B 641 5.13 -36.57 -39.91
CA LEU B 641 5.68 -36.40 -38.57
C LEU B 641 4.61 -36.69 -37.52
N ARG B 642 4.96 -37.53 -36.54
CA ARG B 642 4.09 -37.77 -35.38
C ARG B 642 4.10 -36.48 -34.55
N LEU B 643 3.03 -35.70 -34.73
CA LEU B 643 2.98 -34.36 -34.16
C LEU B 643 2.77 -34.42 -32.65
N GLU B 644 3.28 -33.39 -31.96
CA GLU B 644 3.02 -33.25 -30.53
C GLU B 644 3.13 -31.76 -30.19
N LEU B 645 1.98 -31.11 -30.02
CA LEU B 645 1.94 -29.70 -29.65
C LEU B 645 2.09 -29.59 -28.13
N PHE B 646 2.36 -28.38 -27.64
CA PHE B 646 2.60 -28.18 -26.21
C PHE B 646 1.84 -26.96 -25.73
N GLY B 647 1.37 -27.03 -24.48
CA GLY B 647 0.63 -25.92 -23.90
C GLY B 647 0.06 -26.32 -22.55
N CYS B 648 -0.70 -25.42 -21.96
CA CYS B 648 -1.29 -25.71 -20.66
C CYS B 648 -2.73 -25.21 -20.59
N ASP B 649 -3.27 -25.12 -19.38
CA ASP B 649 -4.67 -24.74 -19.19
C ASP B 649 -4.75 -23.73 -18.04
N ILE B 650 -5.36 -22.58 -18.31
CA ILE B 650 -5.58 -21.57 -17.29
C ILE B 650 -6.98 -21.76 -16.71
N TYR B 651 -7.24 -21.14 -15.56
CA TYR B 651 -8.54 -21.21 -14.92
C TYR B 651 -8.95 -19.83 -14.40
#